data_5CR5
#
_entry.id   5CR5
#
_cell.length_a   69.550
_cell.length_b   105.590
_cell.length_c   107.050
_cell.angle_alpha   90.00
_cell.angle_beta   90.00
_cell.angle_gamma   90.00
#
_symmetry.space_group_name_H-M   'P 21 21 21'
#
loop_
_entity.id
_entity.type
_entity.pdbx_description
1 polymer 'Branched-chain-amino-acid aminotransferase, mitochondrial'
2 non-polymer "PYRIDOXAL-5'-PHOSPHATE"
3 non-polymer "3-({(3R)-1-[(5-bromothiophen-2-yl)carbonyl]pyrrolidin-3-yl}oxy)-N-methyl-2'-[(methylsulfonyl)amino]biphenyl-4-carboxamide"
4 non-polymer 'CHLORIDE ION'
5 non-polymer 1,2-ETHANEDIOL
6 non-polymer 'DIMETHYL SULFOXIDE'
7 water water
#
_entity_poly.entity_id   1
_entity_poly.type   'polypeptide(L)'
_entity_poly.pdbx_seq_one_letter_code
;GSHMASSSFKAADLQLEMTQKPHKKPGPGEPLVFGKTFTDHMLMVEWNDKGWGQPRIQPFQNLTLHPASSSLHYSLQLFE
GMKAFKGKDQQVRLFRPWLNMDRMLRSAMRLCLPSFDKLELLECIRRLIEVDKDWVPDAAGTSLYVRPVLIGNEPSLGVS
QPTRALLFVILCPVGAYFPGGSVTPVSLLADPAFIRAWVGGVGNYKLGGNYGPTVLVQQEALKRGCEQVLWLYGPDHQLT
EVGTMNIFVYWTHEDGVLELVTPPLNGVILPGVVRQSLLDMAQTWGEFRVVERTITMKQLLRALEEGRVREVFGSGTACQ
VCPVHRILYKDRNLHIPTMENGPELILRFQKELKEIQYGIRAHEWMFPV
;
_entity_poly.pdbx_strand_id   A,B
#
loop_
_chem_comp.id
_chem_comp.type
_chem_comp.name
_chem_comp.formula
CL non-polymer 'CHLORIDE ION' 'Cl -1'
DMS non-polymer 'DIMETHYL SULFOXIDE' 'C2 H6 O S'
EDO non-polymer 1,2-ETHANEDIOL 'C2 H6 O2'
EL1 non-polymer 3-({(3R)-1-[(5-bromothiophen-2-yl)carbonyl]pyrrolidin-3-yl}oxy)-N-methyl-2'-[(methylsulfonyl)amino]biphenyl-4-carboxamide 'C24 H24 Br N3 O5 S2'
PLP non-polymer PYRIDOXAL-5'-PHOSPHATE 'C8 H10 N O6 P'
#
# COMPACT_ATOMS: atom_id res chain seq x y z
N SER A 7 5.98 -12.26 23.37
CA SER A 7 4.97 -12.86 24.27
C SER A 7 3.76 -13.37 23.45
N SER A 8 4.04 -14.32 22.56
CA SER A 8 3.05 -14.81 21.60
C SER A 8 1.80 -15.37 22.23
N PHE A 9 0.71 -15.31 21.49
CA PHE A 9 -0.47 -16.08 21.80
C PHE A 9 -0.10 -17.57 21.69
N LYS A 10 -0.84 -18.41 22.40
CA LYS A 10 -0.60 -19.85 22.46
C LYS A 10 -1.85 -20.60 22.03
N ALA A 11 -1.69 -21.62 21.17
CA ALA A 11 -2.80 -22.46 20.74
C ALA A 11 -3.46 -23.15 21.94
N ALA A 12 -2.68 -23.35 23.00
CA ALA A 12 -3.21 -23.98 24.23
C ALA A 12 -4.33 -23.15 24.87
N ASP A 13 -4.33 -21.84 24.60
CA ASP A 13 -5.32 -20.91 25.14
C ASP A 13 -6.51 -20.67 24.21
N LEU A 14 -6.58 -21.37 23.08
CA LEU A 14 -7.67 -21.20 22.14
C LEU A 14 -9.05 -21.31 22.77
N GLN A 15 -9.93 -20.37 22.42
CA GLN A 15 -11.30 -20.35 22.86
C GLN A 15 -12.15 -20.65 21.62
N LEU A 16 -12.97 -21.70 21.68
CA LEU A 16 -13.79 -22.09 20.54
C LEU A 16 -15.24 -21.65 20.69
N GLU A 17 -15.72 -20.93 19.70
CA GLU A 17 -17.12 -20.57 19.62
C GLU A 17 -17.67 -21.13 18.32
N MET A 18 -18.41 -22.23 18.43
CA MET A 18 -19.04 -22.85 17.27
C MET A 18 -20.17 -22.02 16.72
N THR A 19 -20.34 -22.04 15.41
CA THR A 19 -21.39 -21.29 14.78
C THR A 19 -22.73 -21.91 15.13
N GLN A 20 -23.71 -21.01 15.28
CA GLN A 20 -25.09 -21.39 15.49
C GLN A 20 -25.88 -21.21 14.19
N LYS A 21 -25.22 -20.71 13.14
CA LYS A 21 -25.90 -20.46 11.86
C LYS A 21 -24.97 -20.87 10.71
N PRO A 22 -24.78 -22.20 10.56
CA PRO A 22 -23.85 -22.69 9.55
C PRO A 22 -24.38 -22.43 8.17
N HIS A 23 -23.46 -22.20 7.22
CA HIS A 23 -23.87 -21.92 5.85
C HIS A 23 -23.92 -23.21 5.07
N LYS A 24 -24.81 -23.27 4.08
CA LYS A 24 -24.88 -24.44 3.20
C LYS A 24 -23.61 -24.43 2.35
N LYS A 25 -23.03 -25.60 2.14
CA LYS A 25 -21.80 -25.71 1.35
C LYS A 25 -22.12 -25.61 -0.14
N PRO A 26 -21.11 -25.30 -0.99
CA PRO A 26 -21.42 -25.13 -2.42
C PRO A 26 -22.04 -26.36 -3.09
N LEU A 32 -18.16 -22.15 -8.61
CA LEU A 32 -17.37 -21.83 -7.42
C LEU A 32 -16.17 -20.91 -7.75
N VAL A 33 -16.43 -19.61 -7.80
CA VAL A 33 -15.43 -18.60 -8.16
C VAL A 33 -14.42 -18.42 -7.01
N PHE A 34 -13.16 -18.13 -7.35
CA PHE A 34 -12.15 -18.01 -6.30
C PHE A 34 -12.40 -16.85 -5.36
N GLY A 35 -12.31 -17.13 -4.05
CA GLY A 35 -12.33 -16.09 -3.04
C GLY A 35 -13.62 -15.40 -2.69
N LYS A 36 -14.76 -15.96 -3.06
CA LYS A 36 -16.04 -15.34 -2.75
C LYS A 36 -16.91 -16.17 -1.81
N THR A 37 -16.49 -17.40 -1.55
CA THR A 37 -17.23 -18.31 -0.69
C THR A 37 -16.38 -18.64 0.50
N PHE A 38 -16.92 -18.42 1.69
CA PHE A 38 -16.16 -18.63 2.90
C PHE A 38 -16.74 -19.71 3.78
N THR A 39 -15.86 -20.31 4.57
CA THR A 39 -16.26 -21.37 5.53
C THR A 39 -16.94 -20.75 6.75
N ASP A 40 -17.39 -21.62 7.64
CA ASP A 40 -18.19 -21.19 8.79
C ASP A 40 -17.45 -20.48 9.89
N HIS A 41 -16.15 -20.71 10.03
CA HIS A 41 -15.38 -20.14 11.14
C HIS A 41 -14.15 -19.36 10.71
N MET A 42 -13.64 -18.56 11.64
CA MET A 42 -12.42 -17.78 11.42
C MET A 42 -11.59 -17.79 12.68
N LEU A 43 -10.29 -17.53 12.56
CA LEU A 43 -9.44 -17.29 13.69
C LEU A 43 -9.36 -15.78 13.90
N MET A 44 -9.30 -15.37 15.16
N MET A 44 -9.30 -15.37 15.15
CA MET A 44 -9.13 -13.96 15.52
CA MET A 44 -9.09 -13.96 15.49
C MET A 44 -8.20 -13.88 16.73
C MET A 44 -8.21 -13.87 16.72
N VAL A 45 -7.21 -12.99 16.68
CA VAL A 45 -6.36 -12.71 17.83
C VAL A 45 -6.07 -11.21 17.82
N GLU A 46 -6.22 -10.57 18.97
N GLU A 46 -6.23 -10.56 18.97
CA GLU A 46 -5.96 -9.13 19.09
CA GLU A 46 -5.95 -9.14 19.07
C GLU A 46 -4.67 -8.87 19.86
C GLU A 46 -4.66 -8.87 19.85
N TRP A 47 -4.00 -7.76 19.52
CA TRP A 47 -2.76 -7.36 20.19
C TRP A 47 -2.93 -5.91 20.65
N ASN A 48 -2.43 -5.61 21.85
CA ASN A 48 -2.41 -4.24 22.36
C ASN A 48 -1.22 -4.05 23.30
N ASP A 49 -1.26 -3.01 24.15
CA ASP A 49 -0.18 -2.74 25.09
C ASP A 49 0.12 -3.87 26.08
N LYS A 50 -0.88 -4.70 26.36
CA LYS A 50 -0.71 -5.85 27.25
C LYS A 50 -0.23 -7.11 26.50
N GLY A 51 0.01 -6.98 25.19
CA GLY A 51 0.47 -8.10 24.37
C GLY A 51 -0.66 -8.75 23.62
N TRP A 52 -0.45 -10.01 23.24
CA TRP A 52 -1.49 -10.76 22.55
C TRP A 52 -2.54 -11.27 23.52
N GLY A 53 -3.81 -11.12 23.14
CA GLY A 53 -4.91 -11.71 23.88
C GLY A 53 -5.00 -13.18 23.51
N GLN A 54 -6.03 -13.85 24.01
CA GLN A 54 -6.15 -15.26 23.70
C GLN A 54 -6.74 -15.43 22.30
N PRO A 55 -6.21 -16.39 21.55
CA PRO A 55 -6.75 -16.62 20.21
C PRO A 55 -8.13 -17.27 20.27
N ARG A 56 -8.97 -17.05 19.27
CA ARG A 56 -10.25 -17.72 19.26
C ARG A 56 -10.65 -18.16 17.86
N ILE A 57 -11.31 -19.31 17.81
CA ILE A 57 -11.97 -19.77 16.60
C ILE A 57 -13.43 -19.40 16.85
N GLN A 58 -13.99 -18.60 15.95
CA GLN A 58 -15.35 -18.11 16.11
C GLN A 58 -16.08 -18.10 14.80
N PRO A 59 -17.39 -17.89 14.84
CA PRO A 59 -18.15 -17.89 13.61
C PRO A 59 -17.69 -16.75 12.70
N PHE A 60 -17.65 -17.04 11.41
CA PHE A 60 -17.29 -16.04 10.41
C PHE A 60 -18.19 -14.81 10.63
N GLN A 61 -17.57 -13.64 10.77
CA GLN A 61 -18.32 -12.45 11.10
C GLN A 61 -17.55 -11.20 10.69
N ASN A 62 -18.25 -10.08 10.65
CA ASN A 62 -17.63 -8.82 10.31
C ASN A 62 -16.61 -8.36 11.34
N LEU A 63 -15.69 -7.53 10.87
CA LEU A 63 -14.76 -6.83 11.74
C LEU A 63 -15.37 -5.48 12.12
N THR A 64 -15.11 -5.04 13.32
CA THR A 64 -15.54 -3.73 13.79
C THR A 64 -14.27 -2.91 13.94
N LEU A 65 -14.13 -1.85 13.15
CA LEU A 65 -12.93 -1.04 13.15
C LEU A 65 -13.19 0.44 13.39
N HIS A 66 -12.38 1.04 14.26
CA HIS A 66 -12.43 2.48 14.52
C HIS A 66 -12.12 3.17 13.16
N PRO A 67 -12.80 4.27 12.84
CA PRO A 67 -12.59 4.92 11.52
C PRO A 67 -11.18 5.43 11.25
N ALA A 68 -10.38 5.63 12.30
CA ALA A 68 -8.97 6.07 12.17
C ALA A 68 -7.99 4.89 12.16
N SER A 69 -8.50 3.66 12.15
CA SER A 69 -7.62 2.50 12.15
C SER A 69 -6.49 2.62 11.14
N SER A 70 -5.26 2.47 11.60
CA SER A 70 -4.11 2.64 10.68
C SER A 70 -4.08 1.62 9.54
N SER A 71 -4.81 0.50 9.69
CA SER A 71 -4.98 -0.45 8.57
C SER A 71 -5.61 0.16 7.33
N LEU A 72 -6.45 1.19 7.53
CA LEU A 72 -7.24 1.79 6.45
C LEU A 72 -6.69 3.10 5.91
N HIS A 73 -5.79 3.72 6.65
CA HIS A 73 -5.23 5.00 6.27
C HIS A 73 -3.83 4.86 5.72
N TYR A 74 -2.98 4.05 6.38
CA TYR A 74 -1.58 3.94 6.01
C TYR A 74 -1.20 2.51 5.63
N SER A 75 -2.19 1.72 5.23
CA SER A 75 -1.93 0.38 4.70
C SER A 75 -1.02 -0.46 5.59
N LEU A 76 -1.30 -0.42 6.91
CA LEU A 76 -0.58 -1.30 7.83
C LEU A 76 -1.32 -2.62 7.76
N GLN A 77 -0.97 -3.38 6.73
CA GLN A 77 -1.68 -4.61 6.43
C GLN A 77 -0.80 -5.54 5.63
N LEU A 78 -0.89 -6.84 5.93
CA LEU A 78 -0.17 -7.87 5.19
C LEU A 78 -1.04 -9.12 5.18
N PHE A 79 -0.77 -10.02 4.24
CA PHE A 79 -1.52 -11.26 4.17
C PHE A 79 -0.66 -12.42 3.70
N GLU A 80 -1.23 -13.62 3.85
CA GLU A 80 -0.67 -14.82 3.30
C GLU A 80 -1.73 -15.58 2.50
N GLY A 81 -1.24 -16.60 1.79
CA GLY A 81 -2.10 -17.44 1.00
C GLY A 81 -1.45 -18.79 0.89
N MET A 82 -2.15 -19.82 1.34
CA MET A 82 -1.63 -21.20 1.22
C MET A 82 -2.79 -22.15 1.10
N LYS A 83 -2.52 -23.35 0.61
CA LYS A 83 -3.55 -24.34 0.37
C LYS A 83 -3.43 -25.59 1.23
N ALA A 84 -4.60 -26.09 1.60
CA ALA A 84 -4.76 -27.39 2.21
C ALA A 84 -5.46 -28.27 1.19
N PHE A 85 -5.06 -29.54 1.18
CA PHE A 85 -5.55 -30.48 0.21
C PHE A 85 -6.07 -31.72 0.92
N LYS A 86 -7.18 -32.26 0.45
CA LYS A 86 -7.78 -33.48 1.02
C LYS A 86 -7.51 -34.67 0.08
N GLY A 87 -6.80 -35.67 0.59
CA GLY A 87 -6.55 -36.92 -0.13
C GLY A 87 -7.76 -37.84 -0.11
N LYS A 88 -7.65 -38.99 -0.78
CA LYS A 88 -8.80 -39.91 -0.86
C LYS A 88 -9.28 -40.48 0.47
N ASP A 89 -8.37 -40.76 1.40
CA ASP A 89 -8.77 -41.24 2.72
C ASP A 89 -9.26 -40.10 3.62
N GLN A 90 -9.47 -38.92 3.01
CA GLN A 90 -10.05 -37.77 3.69
C GLN A 90 -9.04 -37.06 4.63
N GLN A 91 -7.77 -37.46 4.59
CA GLN A 91 -6.74 -36.76 5.34
C GLN A 91 -6.47 -35.42 4.64
N VAL A 92 -6.47 -34.34 5.43
CA VAL A 92 -6.19 -32.98 4.94
C VAL A 92 -4.76 -32.62 5.31
N ARG A 93 -4.03 -31.95 4.40
CA ARG A 93 -2.65 -31.58 4.64
C ARG A 93 -2.37 -30.21 4.06
N LEU A 94 -1.58 -29.42 4.77
CA LEU A 94 -1.11 -28.13 4.27
C LEU A 94 0.22 -28.31 3.53
N PHE A 95 0.40 -27.53 2.46
CA PHE A 95 1.64 -27.56 1.70
C PHE A 95 2.66 -26.57 2.28
N ARG A 96 3.79 -27.09 2.78
CA ARG A 96 4.90 -26.30 3.29
C ARG A 96 4.49 -25.03 4.07
N PRO A 97 3.58 -25.17 5.05
CA PRO A 97 3.06 -23.99 5.71
C PRO A 97 4.08 -23.21 6.50
N TRP A 98 5.15 -23.88 6.96
CA TRP A 98 6.23 -23.23 7.68
C TRP A 98 6.81 -22.08 6.88
N LEU A 99 6.89 -22.23 5.56
CA LEU A 99 7.43 -21.17 4.70
C LEU A 99 6.49 -19.94 4.67
N ASN A 100 5.18 -20.17 4.61
CA ASN A 100 4.23 -19.07 4.71
C ASN A 100 4.29 -18.34 6.04
N MET A 101 4.45 -19.09 7.13
CA MET A 101 4.60 -18.49 8.46
C MET A 101 5.89 -17.64 8.50
N ASP A 102 6.98 -18.17 7.94
CA ASP A 102 8.26 -17.44 7.86
C ASP A 102 8.06 -16.12 7.13
N ARG A 103 7.41 -16.18 5.97
CA ARG A 103 7.18 -15.00 5.13
C ARG A 103 6.25 -14.00 5.83
N MET A 104 5.19 -14.50 6.49
CA MET A 104 4.27 -13.63 7.22
C MET A 104 4.99 -12.84 8.32
N LEU A 105 5.89 -13.51 9.04
CA LEU A 105 6.65 -12.82 10.09
C LEU A 105 7.60 -11.77 9.50
N ARG A 106 8.21 -12.06 8.36
CA ARG A 106 9.08 -11.05 7.70
C ARG A 106 8.24 -9.83 7.28
N SER A 107 7.04 -10.09 6.77
CA SER A 107 6.13 -9.01 6.43
C SER A 107 5.77 -8.16 7.63
N ALA A 108 5.49 -8.81 8.75
CA ALA A 108 5.14 -8.15 9.99
C ALA A 108 6.24 -7.22 10.46
N MET A 109 7.47 -7.74 10.43
CA MET A 109 8.61 -6.92 10.84
C MET A 109 8.79 -5.69 9.93
N ARG A 110 8.57 -5.86 8.64
CA ARG A 110 8.79 -4.75 7.72
C ARG A 110 7.79 -3.62 7.97
N LEU A 111 6.58 -3.94 8.44
CA LEU A 111 5.53 -2.94 8.71
C LEU A 111 5.43 -2.58 10.20
N CYS A 112 6.43 -2.97 10.99
CA CYS A 112 6.44 -2.67 12.42
C CYS A 112 5.17 -3.15 13.13
N LEU A 113 4.72 -4.35 12.75
CA LEU A 113 3.58 -5.01 13.32
C LEU A 113 4.10 -6.09 14.28
N PRO A 114 3.27 -6.50 15.24
CA PRO A 114 3.80 -7.38 16.29
C PRO A 114 4.22 -8.76 15.84
N SER A 115 5.38 -9.19 16.32
CA SER A 115 5.87 -10.54 16.15
C SER A 115 4.93 -11.53 16.86
N PHE A 116 4.95 -12.78 16.40
CA PHE A 116 4.20 -13.88 17.01
C PHE A 116 5.02 -15.15 16.79
N ASP A 117 4.67 -16.22 17.49
CA ASP A 117 5.32 -17.51 17.34
C ASP A 117 4.73 -18.25 16.14
N LYS A 118 5.59 -18.58 15.18
CA LYS A 118 5.13 -19.19 13.93
C LYS A 118 4.48 -20.56 14.14
N LEU A 119 4.97 -21.34 15.09
CA LEU A 119 4.39 -22.65 15.37
C LEU A 119 3.06 -22.55 16.12
N GLU A 120 2.90 -21.51 16.96
CA GLU A 120 1.64 -21.29 17.61
C GLU A 120 0.59 -20.90 16.58
N LEU A 121 0.93 -19.98 15.66
CA LEU A 121 -0.03 -19.62 14.61
C LEU A 121 -0.39 -20.84 13.76
N LEU A 122 0.62 -21.64 13.41
CA LEU A 122 0.40 -22.82 12.58
C LEU A 122 -0.57 -23.80 13.26
N GLU A 123 -0.37 -24.03 14.56
CA GLU A 123 -1.30 -24.88 15.32
C GLU A 123 -2.71 -24.28 15.41
N CYS A 124 -2.82 -22.95 15.58
CA CYS A 124 -4.13 -22.32 15.58
C CYS A 124 -4.83 -22.49 14.22
N ILE A 125 -4.07 -22.31 13.14
CA ILE A 125 -4.58 -22.55 11.80
C ILE A 125 -5.01 -24.01 11.60
N ARG A 126 -4.20 -24.94 12.08
CA ARG A 126 -4.54 -26.38 12.02
C ARG A 126 -5.87 -26.63 12.73
N ARG A 127 -5.99 -26.05 13.92
CA ARG A 127 -7.22 -26.20 14.70
C ARG A 127 -8.44 -25.63 13.96
N LEU A 128 -8.26 -24.49 13.29
CA LEU A 128 -9.32 -23.87 12.53
C LEU A 128 -9.76 -24.72 11.35
N ILE A 129 -8.78 -25.23 10.61
CA ILE A 129 -9.09 -26.07 9.45
C ILE A 129 -9.81 -27.36 9.91
N GLU A 130 -9.38 -27.87 11.06
CA GLU A 130 -9.98 -29.09 11.68
C GLU A 130 -11.48 -28.84 11.94
N VAL A 131 -11.77 -27.72 12.57
CA VAL A 131 -13.17 -27.34 12.79
C VAL A 131 -13.97 -27.29 11.48
N ASP A 132 -13.40 -26.68 10.44
CA ASP A 132 -14.06 -26.57 9.15
C ASP A 132 -13.62 -27.64 8.14
N LYS A 133 -13.20 -28.81 8.62
CA LYS A 133 -12.66 -29.86 7.74
C LYS A 133 -13.61 -30.29 6.62
N ASP A 134 -14.92 -30.30 6.90
CA ASP A 134 -15.91 -30.72 5.91
C ASP A 134 -16.09 -29.72 4.79
N TRP A 135 -15.48 -28.53 4.93
CA TRP A 135 -15.46 -27.56 3.85
C TRP A 135 -14.36 -27.86 2.85
N VAL A 136 -13.40 -28.71 3.21
CA VAL A 136 -12.30 -28.99 2.30
C VAL A 136 -12.77 -29.96 1.23
N PRO A 137 -12.78 -29.51 -0.03
CA PRO A 137 -13.27 -30.37 -1.10
C PRO A 137 -12.24 -31.45 -1.42
N ASP A 138 -12.67 -32.53 -2.07
CA ASP A 138 -11.75 -33.59 -2.42
C ASP A 138 -11.74 -33.98 -3.90
N ALA A 139 -12.51 -33.27 -4.73
CA ALA A 139 -12.46 -33.48 -6.18
C ALA A 139 -11.08 -33.08 -6.73
N ALA A 140 -10.77 -33.64 -7.91
CA ALA A 140 -9.50 -33.37 -8.57
C ALA A 140 -9.26 -31.88 -8.72
N GLY A 141 -8.08 -31.44 -8.32
CA GLY A 141 -7.67 -30.04 -8.52
C GLY A 141 -8.30 -29.07 -7.53
N THR A 142 -9.08 -29.56 -6.58
CA THR A 142 -9.72 -28.67 -5.62
C THR A 142 -8.90 -28.60 -4.34
N SER A 143 -9.16 -27.56 -3.54
CA SER A 143 -8.41 -27.33 -2.32
C SER A 143 -9.13 -26.34 -1.42
N LEU A 144 -8.57 -26.13 -0.24
CA LEU A 144 -9.03 -25.07 0.65
C LEU A 144 -7.92 -24.01 0.70
N TYR A 145 -8.28 -22.77 0.38
CA TYR A 145 -7.34 -21.65 0.42
C TYR A 145 -7.41 -21.00 1.80
N VAL A 146 -6.26 -20.79 2.40
CA VAL A 146 -6.13 -20.23 3.75
C VAL A 146 -5.56 -18.82 3.61
N ARG A 147 -6.25 -17.86 4.23
CA ARG A 147 -5.91 -16.44 4.12
C ARG A 147 -5.69 -15.84 5.49
N PRO A 148 -4.45 -15.92 6.01
CA PRO A 148 -4.09 -15.19 7.22
C PRO A 148 -3.87 -13.71 6.88
N VAL A 149 -4.22 -12.85 7.81
CA VAL A 149 -4.09 -11.40 7.67
C VAL A 149 -3.62 -10.83 9.00
N LEU A 150 -2.70 -9.86 8.93
CA LEU A 150 -2.28 -9.12 10.12
C LEU A 150 -2.38 -7.62 9.78
N ILE A 151 -3.10 -6.88 10.60
CA ILE A 151 -3.30 -5.47 10.34
C ILE A 151 -3.04 -4.62 11.58
N GLY A 152 -2.50 -3.43 11.33
CA GLY A 152 -2.42 -2.40 12.36
C GLY A 152 -3.80 -1.90 12.67
N ASN A 153 -4.02 -1.51 13.93
CA ASN A 153 -5.34 -1.12 14.34
C ASN A 153 -5.37 -0.05 15.40
N GLU A 154 -4.42 0.87 15.29
CA GLU A 154 -4.34 2.02 16.19
C GLU A 154 -5.34 3.09 15.73
N PRO A 155 -6.15 3.63 16.65
CA PRO A 155 -7.13 4.68 16.35
C PRO A 155 -6.44 6.04 16.32
N SER A 156 -5.50 6.20 15.38
CA SER A 156 -4.67 7.40 15.32
C SER A 156 -4.28 7.70 13.91
N LEU A 157 -4.33 8.99 13.55
CA LEU A 157 -3.91 9.44 12.23
C LEU A 157 -2.40 9.71 12.14
N GLY A 158 -1.68 9.54 13.24
CA GLY A 158 -0.21 9.63 13.21
C GLY A 158 0.36 8.49 12.39
N VAL A 159 1.29 8.78 11.49
CA VAL A 159 1.97 7.71 10.73
C VAL A 159 3.01 7.13 11.68
N SER A 160 2.68 6.01 12.33
CA SER A 160 3.57 5.46 13.36
C SER A 160 3.35 3.99 13.61
N GLN A 161 4.26 3.39 14.36
CA GLN A 161 4.15 1.99 14.75
C GLN A 161 2.90 1.81 15.61
N PRO A 162 2.00 0.91 15.22
CA PRO A 162 0.76 0.80 15.95
C PRO A 162 0.96 0.16 17.32
N THR A 163 0.12 0.56 18.27
CA THR A 163 0.10 -0.06 19.58
C THR A 163 -1.04 -1.09 19.70
N ARG A 164 -1.78 -1.29 18.61
CA ARG A 164 -2.84 -2.29 18.57
C ARG A 164 -2.81 -2.95 17.21
N ALA A 165 -3.17 -4.22 17.16
CA ALA A 165 -3.20 -4.94 15.89
C ALA A 165 -4.22 -6.06 15.95
N LEU A 166 -4.59 -6.57 14.77
N LEU A 166 -4.51 -6.63 14.78
CA LEU A 166 -5.50 -7.70 14.66
CA LEU A 166 -5.49 -7.68 14.66
C LEU A 166 -4.88 -8.70 13.71
C LEU A 166 -5.01 -8.72 13.66
N LEU A 167 -4.95 -9.97 14.10
CA LEU A 167 -4.55 -11.08 13.26
C LEU A 167 -5.76 -11.96 13.09
N PHE A 168 -6.14 -12.24 11.86
CA PHE A 168 -7.24 -13.14 11.63
C PHE A 168 -6.97 -14.06 10.46
N VAL A 169 -7.70 -15.16 10.40
CA VAL A 169 -7.59 -16.12 9.31
C VAL A 169 -8.97 -16.53 8.84
N ILE A 170 -9.18 -16.45 7.52
CA ILE A 170 -10.40 -16.91 6.89
C ILE A 170 -10.03 -17.97 5.84
N LEU A 171 -11.02 -18.77 5.46
CA LEU A 171 -10.83 -19.93 4.58
C LEU A 171 -11.83 -19.95 3.46
N CYS A 172 -11.40 -20.38 2.27
CA CYS A 172 -12.26 -20.48 1.09
C CYS A 172 -12.10 -21.84 0.43
N PRO A 173 -13.20 -22.58 0.22
CA PRO A 173 -13.04 -23.73 -0.67
C PRO A 173 -12.83 -23.22 -2.10
N VAL A 174 -11.96 -23.89 -2.83
N VAL A 174 -11.95 -23.86 -2.85
CA VAL A 174 -11.64 -23.49 -4.19
CA VAL A 174 -11.68 -23.42 -4.21
C VAL A 174 -11.86 -24.64 -5.16
C VAL A 174 -11.73 -24.57 -5.21
N GLY A 175 -12.39 -24.32 -6.34
CA GLY A 175 -12.54 -25.32 -7.41
C GLY A 175 -11.24 -25.55 -8.15
N ALA A 176 -11.29 -26.42 -9.18
CA ALA A 176 -10.11 -26.71 -10.00
C ALA A 176 -9.77 -25.48 -10.84
N TYR A 177 -8.49 -25.11 -10.87
CA TYR A 177 -8.04 -23.93 -11.62
C TYR A 177 -8.19 -24.17 -13.12
N PHE A 178 -7.90 -25.40 -13.55
CA PHE A 178 -8.09 -25.81 -14.92
C PHE A 178 -9.30 -26.77 -14.98
N PRO A 179 -10.53 -26.22 -15.15
CA PRO A 179 -11.69 -27.11 -15.32
C PRO A 179 -11.55 -27.88 -16.63
N GLY A 180 -11.39 -29.19 -16.51
CA GLY A 180 -11.03 -30.04 -17.62
C GLY A 180 -9.81 -30.84 -17.25
N GLY A 181 -9.02 -30.30 -16.32
CA GLY A 181 -7.83 -30.97 -15.79
C GLY A 181 -6.54 -30.61 -16.51
N SER A 182 -6.65 -30.26 -17.79
CA SER A 182 -5.48 -29.98 -18.61
C SER A 182 -5.08 -28.51 -18.55
N VAL A 183 -3.79 -28.24 -18.41
CA VAL A 183 -3.30 -26.86 -18.40
C VAL A 183 -3.73 -26.09 -19.65
N THR A 184 -4.08 -24.83 -19.43
CA THR A 184 -4.57 -23.95 -20.46
C THR A 184 -3.70 -22.71 -20.38
N PRO A 185 -3.05 -22.34 -21.50
CA PRO A 185 -2.10 -21.22 -21.41
C PRO A 185 -2.71 -19.85 -21.49
N VAL A 186 -1.93 -18.85 -21.07
CA VAL A 186 -2.38 -17.46 -21.10
C VAL A 186 -1.52 -16.55 -21.94
N SER A 187 -2.10 -15.40 -22.27
CA SER A 187 -1.40 -14.32 -22.96
C SER A 187 -1.00 -13.25 -21.96
N LEU A 188 0.12 -12.58 -22.23
CA LEU A 188 0.66 -11.55 -21.32
C LEU A 188 0.94 -10.24 -22.02
N LEU A 189 0.64 -9.13 -21.35
CA LEU A 189 1.02 -7.80 -21.84
C LEU A 189 2.33 -7.42 -21.21
N ALA A 190 3.33 -7.09 -22.02
CA ALA A 190 4.66 -6.67 -21.54
C ALA A 190 4.94 -5.25 -22.03
N ASP A 191 4.64 -4.30 -21.17
CA ASP A 191 4.83 -2.88 -21.46
C ASP A 191 5.69 -2.28 -20.33
N PRO A 192 6.89 -1.78 -20.68
CA PRO A 192 7.79 -1.26 -19.63
C PRO A 192 7.25 -0.06 -18.82
N ALA A 193 6.14 0.53 -19.25
CA ALA A 193 5.49 1.59 -18.47
C ALA A 193 5.04 1.12 -17.09
N PHE A 194 4.74 -0.16 -16.99
CA PHE A 194 4.15 -0.70 -15.78
C PHE A 194 5.21 -1.22 -14.85
N ILE A 195 5.12 -0.81 -13.59
CA ILE A 195 6.13 -1.19 -12.62
C ILE A 195 5.46 -1.74 -11.35
N ARG A 196 5.79 -2.99 -11.03
CA ARG A 196 5.18 -3.68 -9.90
C ARG A 196 5.90 -3.35 -8.61
N ALA A 197 7.20 -3.13 -8.73
CA ALA A 197 8.10 -3.07 -7.55
C ALA A 197 9.45 -2.48 -7.98
N TRP A 198 10.21 -1.97 -7.02
N TRP A 198 10.21 -2.01 -7.00
CA TRP A 198 11.52 -1.43 -7.31
CA TRP A 198 11.48 -1.32 -7.23
C TRP A 198 12.53 -1.83 -6.25
C TRP A 198 12.52 -1.79 -6.22
N VAL A 199 13.80 -1.80 -6.61
CA VAL A 199 14.87 -2.12 -5.65
C VAL A 199 14.87 -1.01 -4.60
N GLY A 200 14.76 -1.39 -3.32
CA GLY A 200 14.62 -0.44 -2.22
C GLY A 200 13.18 -0.30 -1.77
N GLY A 201 12.26 -0.91 -2.51
CA GLY A 201 10.85 -0.93 -2.16
C GLY A 201 10.46 -2.14 -1.33
N VAL A 202 9.21 -2.54 -1.45
CA VAL A 202 8.65 -3.62 -0.63
C VAL A 202 7.91 -4.69 -1.43
N GLY A 203 8.26 -4.80 -2.70
CA GLY A 203 7.63 -5.76 -3.59
C GLY A 203 7.93 -7.20 -3.22
N ASN A 204 8.97 -7.39 -2.43
CA ASN A 204 9.40 -8.72 -2.00
C ASN A 204 8.72 -9.17 -0.70
N TYR A 205 7.75 -8.37 -0.22
CA TYR A 205 6.91 -8.69 0.93
C TYR A 205 5.46 -8.78 0.48
N LYS A 206 4.67 -9.64 1.13
CA LYS A 206 3.28 -9.83 0.75
C LYS A 206 2.40 -8.84 1.50
N LEU A 207 2.49 -7.58 1.05
CA LEU A 207 1.82 -6.45 1.70
C LEU A 207 0.70 -5.95 0.80
N GLY A 208 -0.44 -5.60 1.36
CA GLY A 208 -1.57 -5.19 0.56
C GLY A 208 -1.27 -4.07 -0.41
N GLY A 209 -0.38 -3.18 0.00
CA GLY A 209 -0.01 -2.02 -0.81
C GLY A 209 0.56 -2.33 -2.18
N ASN A 210 1.07 -3.55 -2.37
CA ASN A 210 1.66 -3.94 -3.62
C ASN A 210 0.60 -4.34 -4.63
N TYR A 211 -0.65 -4.49 -4.19
CA TYR A 211 -1.71 -5.08 -5.01
C TYR A 211 -2.70 -4.09 -5.56
N GLY A 212 -3.16 -3.16 -4.72
CA GLY A 212 -4.13 -2.16 -5.17
C GLY A 212 -3.79 -1.44 -6.47
N PRO A 213 -2.54 -0.97 -6.63
CA PRO A 213 -2.16 -0.22 -7.84
C PRO A 213 -2.13 -1.07 -9.10
N THR A 214 -2.17 -2.38 -8.97
CA THR A 214 -2.14 -3.25 -10.14
C THR A 214 -3.51 -3.43 -10.80
N VAL A 215 -4.58 -3.02 -10.13
CA VAL A 215 -5.91 -3.23 -10.67
C VAL A 215 -6.09 -2.51 -12.01
N LEU A 216 -5.68 -1.26 -12.06
CA LEU A 216 -5.79 -0.47 -13.25
C LEU A 216 -4.92 -1.02 -14.38
N VAL A 217 -3.75 -1.54 -14.03
CA VAL A 217 -2.83 -2.11 -15.00
C VAL A 217 -3.44 -3.37 -15.62
N GLN A 218 -4.05 -4.19 -14.79
CA GLN A 218 -4.67 -5.41 -15.27
C GLN A 218 -5.82 -5.05 -16.23
N GLN A 219 -6.53 -3.98 -15.95
CA GLN A 219 -7.59 -3.51 -16.86
C GLN A 219 -7.01 -3.15 -18.20
N GLU A 220 -5.83 -2.52 -18.21
CA GLU A 220 -5.13 -2.19 -19.45
C GLU A 220 -4.72 -3.45 -20.22
N ALA A 221 -4.25 -4.48 -19.52
CA ALA A 221 -3.92 -5.74 -20.18
C ALA A 221 -5.16 -6.30 -20.91
N LEU A 222 -6.29 -6.34 -20.22
CA LEU A 222 -7.53 -6.81 -20.84
C LEU A 222 -7.91 -5.97 -22.05
N LYS A 223 -7.83 -4.65 -21.92
CA LYS A 223 -8.12 -3.75 -23.03
C LYS A 223 -7.27 -3.99 -24.27
N ARG A 224 -6.02 -4.41 -24.06
N ARG A 224 -6.02 -4.41 -24.07
CA ARG A 224 -5.08 -4.66 -25.14
CA ARG A 224 -5.10 -4.68 -25.18
C ARG A 224 -5.08 -6.14 -25.58
C ARG A 224 -5.12 -6.13 -25.63
N GLY A 225 -6.11 -6.88 -25.15
CA GLY A 225 -6.32 -8.26 -25.57
C GLY A 225 -5.51 -9.33 -24.91
N CYS A 226 -4.91 -9.01 -23.76
CA CYS A 226 -4.10 -9.95 -23.01
C CYS A 226 -4.80 -10.36 -21.71
N GLU A 227 -4.40 -11.50 -21.15
CA GLU A 227 -5.03 -12.03 -19.96
C GLU A 227 -4.36 -11.62 -18.64
N GLN A 228 -3.05 -11.43 -18.68
CA GLN A 228 -2.29 -11.10 -17.47
C GLN A 228 -1.18 -10.15 -17.83
N VAL A 229 -0.55 -9.59 -16.80
CA VAL A 229 0.54 -8.65 -16.97
C VAL A 229 1.91 -9.31 -16.77
N LEU A 230 2.83 -9.12 -17.71
CA LEU A 230 4.22 -9.51 -17.52
C LEU A 230 4.94 -8.25 -17.00
N TRP A 231 5.36 -8.31 -15.73
CA TRP A 231 5.96 -7.15 -15.07
C TRP A 231 7.41 -6.98 -15.43
N LEU A 232 7.70 -5.95 -16.22
CA LEU A 232 9.08 -5.67 -16.61
C LEU A 232 9.73 -4.67 -15.69
N TYR A 233 11.06 -4.78 -15.55
CA TYR A 233 11.81 -3.88 -14.69
C TYR A 233 13.20 -3.58 -15.26
N GLY A 234 13.58 -2.32 -15.13
CA GLY A 234 14.94 -1.90 -15.45
C GLY A 234 15.15 -1.55 -16.90
N PRO A 235 16.31 -0.97 -17.20
CA PRO A 235 16.58 -0.54 -18.57
C PRO A 235 16.72 -1.70 -19.55
N ASP A 236 17.02 -2.88 -19.03
CA ASP A 236 17.16 -4.06 -19.85
C ASP A 236 15.86 -4.87 -19.91
N HIS A 237 14.76 -4.30 -19.45
CA HIS A 237 13.43 -4.97 -19.54
C HIS A 237 13.47 -6.38 -19.00
N GLN A 238 13.84 -6.48 -17.72
CA GLN A 238 13.85 -7.76 -17.03
C GLN A 238 12.41 -8.25 -16.81
N LEU A 239 12.19 -9.53 -17.08
CA LEU A 239 10.91 -10.19 -16.77
C LEU A 239 10.95 -10.57 -15.29
N THR A 240 10.10 -9.94 -14.47
CA THR A 240 10.22 -10.16 -13.03
C THR A 240 9.20 -11.17 -12.52
N GLU A 241 7.93 -10.90 -12.80
CA GLU A 241 6.82 -11.76 -12.36
C GLU A 241 5.72 -11.63 -13.38
N VAL A 242 4.69 -12.45 -13.21
CA VAL A 242 3.57 -12.45 -14.13
C VAL A 242 2.29 -12.50 -13.32
N GLY A 243 1.40 -11.53 -13.54
CA GLY A 243 0.19 -11.43 -12.70
C GLY A 243 0.61 -11.31 -11.24
N THR A 244 0.15 -12.24 -10.41
CA THR A 244 0.60 -12.34 -9.03
C THR A 244 1.33 -13.68 -8.81
N MET A 245 2.12 -14.09 -9.81
CA MET A 245 2.90 -15.31 -9.77
C MET A 245 4.35 -15.05 -10.14
N ASN A 246 5.23 -15.96 -9.72
CA ASN A 246 6.63 -15.93 -10.17
C ASN A 246 6.72 -16.43 -11.61
N ILE A 247 7.80 -16.10 -12.29
CA ILE A 247 7.99 -16.51 -13.69
C ILE A 247 9.21 -17.43 -13.84
N PHE A 248 9.03 -18.45 -14.69
CA PHE A 248 10.08 -19.42 -15.04
C PHE A 248 10.20 -19.52 -16.55
N VAL A 249 11.41 -19.76 -17.03
CA VAL A 249 11.68 -20.05 -18.44
C VAL A 249 12.53 -21.30 -18.51
N TYR A 250 12.13 -22.24 -19.36
CA TYR A 250 12.83 -23.48 -19.61
C TYR A 250 13.31 -23.38 -21.03
N TRP A 251 14.62 -23.32 -21.21
CA TRP A 251 15.20 -23.11 -22.51
C TRP A 251 16.62 -23.64 -22.58
N THR A 252 17.17 -23.64 -23.79
CA THR A 252 18.60 -23.81 -23.96
C THR A 252 19.17 -22.41 -23.96
N HIS A 253 20.04 -22.13 -22.99
CA HIS A 253 20.60 -20.81 -22.84
C HIS A 253 21.64 -20.52 -23.95
N GLU A 254 22.13 -19.28 -24.01
CA GLU A 254 23.08 -18.81 -25.02
C GLU A 254 24.42 -19.56 -25.00
N ASP A 255 24.72 -20.24 -23.89
CA ASP A 255 25.93 -21.06 -23.78
C ASP A 255 25.67 -22.51 -24.21
N GLY A 256 24.49 -22.79 -24.76
CA GLY A 256 24.14 -24.12 -25.24
C GLY A 256 23.71 -25.10 -24.16
N VAL A 257 23.49 -24.63 -22.94
CA VAL A 257 23.11 -25.51 -21.86
C VAL A 257 21.59 -25.47 -21.60
N LEU A 258 20.97 -26.64 -21.50
CA LEU A 258 19.54 -26.73 -21.17
C LEU A 258 19.37 -26.29 -19.72
N GLU A 259 18.45 -25.37 -19.48
CA GLU A 259 18.35 -24.74 -18.18
C GLU A 259 16.93 -24.28 -17.83
N LEU A 260 16.63 -24.33 -16.53
CA LEU A 260 15.44 -23.71 -15.96
C LEU A 260 15.96 -22.48 -15.22
N VAL A 261 15.40 -21.32 -15.53
CA VAL A 261 15.79 -20.06 -14.91
C VAL A 261 14.59 -19.34 -14.32
N THR A 262 14.78 -18.74 -13.14
CA THR A 262 13.80 -17.85 -12.55
C THR A 262 14.55 -16.65 -11.99
N PRO A 263 13.93 -15.45 -11.98
CA PRO A 263 14.68 -14.28 -11.46
C PRO A 263 15.09 -14.41 -10.00
N PRO A 264 16.27 -13.88 -9.65
CA PRO A 264 16.76 -13.99 -8.28
C PRO A 264 16.05 -13.06 -7.30
N LEU A 265 16.19 -13.36 -6.01
CA LEU A 265 15.55 -12.58 -4.94
C LEU A 265 16.43 -11.36 -4.61
N ASN A 266 16.40 -10.38 -5.50
CA ASN A 266 17.23 -9.19 -5.35
C ASN A 266 16.43 -7.95 -5.00
N GLY A 267 15.18 -8.17 -4.58
CA GLY A 267 14.37 -7.09 -4.03
C GLY A 267 13.02 -6.86 -4.70
N VAL A 268 12.94 -7.18 -5.99
CA VAL A 268 11.72 -6.95 -6.76
C VAL A 268 10.89 -8.22 -6.98
N ILE A 269 11.31 -9.32 -6.37
CA ILE A 269 10.63 -10.58 -6.53
C ILE A 269 10.07 -11.06 -5.21
N LEU A 270 8.79 -11.43 -5.21
CA LEU A 270 8.17 -12.03 -4.03
C LEU A 270 8.68 -13.49 -3.96
N PRO A 271 9.28 -13.91 -2.82
CA PRO A 271 9.78 -15.30 -2.74
C PRO A 271 8.67 -16.35 -2.56
N GLY A 272 8.13 -16.80 -3.69
CA GLY A 272 7.05 -17.75 -3.68
C GLY A 272 7.41 -19.07 -3.04
N VAL A 273 6.44 -19.66 -2.35
CA VAL A 273 6.58 -21.02 -1.86
C VAL A 273 6.61 -22.01 -3.03
N VAL A 274 5.72 -21.85 -4.02
CA VAL A 274 5.74 -22.76 -5.16
C VAL A 274 7.09 -22.58 -5.90
N ARG A 275 7.49 -21.32 -6.09
CA ARG A 275 8.76 -21.02 -6.75
C ARG A 275 9.91 -21.81 -6.11
N GLN A 276 10.02 -21.70 -4.80
CA GLN A 276 11.11 -22.38 -4.10
C GLN A 276 11.02 -23.89 -4.27
N SER A 277 9.80 -24.39 -4.24
CA SER A 277 9.55 -25.83 -4.42
C SER A 277 9.95 -26.33 -5.80
N LEU A 278 9.67 -25.54 -6.83
CA LEU A 278 10.07 -25.89 -8.19
C LEU A 278 11.58 -25.97 -8.31
N LEU A 279 12.28 -24.97 -7.76
CA LEU A 279 13.74 -24.95 -7.75
C LEU A 279 14.28 -26.20 -7.02
N ASP A 280 13.71 -26.48 -5.87
CA ASP A 280 14.11 -27.63 -5.04
C ASP A 280 13.93 -28.95 -5.80
N MET A 281 12.77 -29.10 -6.42
CA MET A 281 12.42 -30.31 -7.17
C MET A 281 13.34 -30.50 -8.38
N ALA A 282 13.49 -29.47 -9.19
CA ALA A 282 14.34 -29.54 -10.37
C ALA A 282 15.82 -29.76 -10.01
N GLN A 283 16.26 -29.15 -8.91
CA GLN A 283 17.65 -29.34 -8.47
C GLN A 283 17.85 -30.80 -8.01
N THR A 284 16.87 -31.33 -7.26
CA THR A 284 16.90 -32.74 -6.81
C THR A 284 16.93 -33.72 -8.00
N TRP A 285 16.21 -33.44 -9.08
CA TRP A 285 16.26 -34.35 -10.24
C TRP A 285 17.67 -34.43 -10.83
N GLY A 286 18.36 -33.29 -10.87
CA GLY A 286 19.74 -33.23 -11.38
C GLY A 286 19.88 -33.53 -12.86
N GLU A 287 18.85 -33.22 -13.64
CA GLU A 287 18.83 -33.52 -15.08
C GLU A 287 19.20 -32.35 -16.00
N PHE A 288 19.17 -31.13 -15.46
CA PHE A 288 19.51 -29.95 -16.21
C PHE A 288 19.89 -28.84 -15.23
N ARG A 289 20.43 -27.76 -15.76
CA ARG A 289 20.91 -26.69 -14.93
C ARG A 289 19.71 -25.90 -14.40
N VAL A 290 19.76 -25.55 -13.12
CA VAL A 290 18.67 -24.82 -12.45
C VAL A 290 19.32 -23.59 -11.82
N VAL A 291 18.94 -22.40 -12.29
CA VAL A 291 19.56 -21.17 -11.84
C VAL A 291 18.58 -20.06 -11.49
N GLU A 292 19.06 -19.18 -10.64
CA GLU A 292 18.39 -17.94 -10.35
C GLU A 292 19.22 -16.84 -11.00
N ARG A 293 18.63 -16.20 -12.00
CA ARG A 293 19.30 -15.18 -12.82
C ARG A 293 18.24 -14.31 -13.45
N THR A 294 18.54 -13.03 -13.64
CA THR A 294 17.62 -12.13 -14.33
C THR A 294 17.45 -12.61 -15.75
N ILE A 295 16.28 -12.32 -16.31
CA ILE A 295 15.91 -12.71 -17.66
C ILE A 295 15.47 -11.45 -18.36
N THR A 296 16.06 -11.15 -19.52
CA THR A 296 15.68 -9.93 -20.23
C THR A 296 14.86 -10.26 -21.49
N MET A 297 14.07 -9.29 -21.90
CA MET A 297 13.32 -9.42 -23.16
C MET A 297 14.27 -9.63 -24.33
N LYS A 298 15.45 -8.99 -24.29
CA LYS A 298 16.43 -9.19 -25.38
C LYS A 298 16.81 -10.66 -25.48
N GLN A 299 17.10 -11.29 -24.35
CA GLN A 299 17.42 -12.72 -24.36
C GLN A 299 16.27 -13.56 -24.86
N LEU A 300 15.06 -13.22 -24.40
CA LEU A 300 13.87 -13.99 -24.78
C LEU A 300 13.62 -13.87 -26.27
N LEU A 301 13.72 -12.67 -26.81
CA LEU A 301 13.53 -12.45 -28.26
C LEU A 301 14.50 -13.30 -29.06
N ARG A 302 15.77 -13.25 -28.69
CA ARG A 302 16.79 -14.00 -29.39
C ARG A 302 16.52 -15.49 -29.29
N ALA A 303 16.19 -15.94 -28.08
CA ALA A 303 15.97 -17.37 -27.84
C ALA A 303 14.79 -17.91 -28.66
N LEU A 304 13.74 -17.10 -28.78
CA LEU A 304 12.56 -17.48 -29.57
C LEU A 304 12.94 -17.62 -31.05
N GLU A 305 13.68 -16.64 -31.56
CA GLU A 305 14.13 -16.68 -32.96
C GLU A 305 14.98 -17.91 -33.25
N GLU A 306 15.83 -18.29 -32.29
CA GLU A 306 16.73 -19.43 -32.43
C GLU A 306 16.10 -20.79 -32.06
N GLY A 307 14.82 -20.79 -31.68
CA GLY A 307 14.10 -22.04 -31.35
C GLY A 307 14.60 -22.69 -30.08
N ARG A 308 15.12 -21.86 -29.17
CA ARG A 308 15.73 -22.36 -27.94
C ARG A 308 14.78 -22.37 -26.73
N VAL A 309 13.66 -21.67 -26.84
CA VAL A 309 12.68 -21.63 -25.75
C VAL A 309 11.77 -22.86 -25.83
N ARG A 310 11.66 -23.58 -24.73
N ARG A 310 11.65 -23.57 -24.73
CA ARG A 310 10.74 -24.70 -24.65
CA ARG A 310 10.75 -24.71 -24.65
C ARG A 310 9.43 -24.30 -23.97
C ARG A 310 9.44 -24.32 -23.97
N GLU A 311 9.54 -23.79 -22.75
CA GLU A 311 8.35 -23.46 -21.97
C GLU A 311 8.55 -22.21 -21.12
N VAL A 312 7.48 -21.42 -21.02
CA VAL A 312 7.44 -20.28 -20.11
C VAL A 312 6.20 -20.47 -19.26
N PHE A 313 6.30 -20.25 -17.95
CA PHE A 313 5.17 -20.44 -17.07
C PHE A 313 5.25 -19.59 -15.81
N GLY A 314 4.08 -19.33 -15.23
CA GLY A 314 4.00 -18.72 -13.90
C GLY A 314 3.88 -19.80 -12.85
N SER A 315 4.26 -19.47 -11.61
CA SER A 315 4.11 -20.37 -10.48
C SER A 315 3.47 -19.62 -9.33
N GLY A 316 2.64 -20.33 -8.58
CA GLY A 316 1.99 -19.74 -7.43
C GLY A 316 0.90 -20.65 -6.92
N THR A 317 0.44 -20.34 -5.71
CA THR A 317 -0.58 -21.16 -5.06
C THR A 317 -1.87 -21.33 -5.85
N ALA A 318 -2.26 -20.33 -6.63
CA ALA A 318 -3.51 -20.39 -7.39
C ALA A 318 -3.61 -21.58 -8.35
N CYS A 319 -2.55 -21.84 -9.13
CA CYS A 319 -2.56 -22.88 -10.20
C CYS A 319 -1.44 -23.91 -10.07
N GLN A 320 -0.52 -23.66 -9.14
CA GLN A 320 0.76 -24.36 -9.05
C GLN A 320 1.63 -23.85 -10.20
N VAL A 321 1.32 -24.26 -11.43
N VAL A 321 1.37 -24.28 -11.43
CA VAL A 321 2.08 -23.87 -12.62
CA VAL A 321 2.09 -23.74 -12.60
C VAL A 321 1.11 -23.54 -13.75
C VAL A 321 1.11 -23.50 -13.73
N CYS A 322 1.35 -22.44 -14.48
CA CYS A 322 0.46 -22.04 -15.58
C CYS A 322 1.27 -21.69 -16.83
N PRO A 323 0.98 -22.38 -17.94
CA PRO A 323 1.70 -22.08 -19.17
C PRO A 323 1.36 -20.74 -19.78
N VAL A 324 2.34 -20.18 -20.48
CA VAL A 324 2.21 -18.95 -21.23
C VAL A 324 2.37 -19.25 -22.72
N HIS A 325 1.48 -18.75 -23.56
CA HIS A 325 1.58 -18.97 -25.01
C HIS A 325 1.84 -17.73 -25.85
N ARG A 326 1.68 -16.55 -25.27
CA ARG A 326 1.79 -15.32 -26.03
C ARG A 326 2.23 -14.17 -25.15
N ILE A 327 3.09 -13.31 -25.69
CA ILE A 327 3.50 -12.09 -25.01
C ILE A 327 3.43 -10.95 -25.99
N LEU A 328 2.68 -9.94 -25.63
CA LEU A 328 2.54 -8.74 -26.44
C LEU A 328 3.49 -7.70 -25.87
N TYR A 329 4.58 -7.45 -26.59
CA TYR A 329 5.65 -6.61 -26.10
C TYR A 329 5.54 -5.26 -26.81
N LYS A 330 4.75 -4.36 -26.20
CA LYS A 330 4.37 -3.09 -26.77
C LYS A 330 3.43 -3.39 -27.97
N ASP A 331 3.93 -3.34 -29.20
CA ASP A 331 3.06 -3.65 -30.35
C ASP A 331 3.45 -4.96 -31.04
N ARG A 332 4.44 -5.65 -30.47
CA ARG A 332 5.03 -6.86 -31.06
C ARG A 332 4.45 -8.12 -30.40
N ASN A 333 3.74 -8.92 -31.19
CA ASN A 333 3.03 -10.11 -30.71
C ASN A 333 3.93 -11.36 -30.84
N LEU A 334 4.32 -11.96 -29.70
CA LEU A 334 5.28 -13.04 -29.66
C LEU A 334 4.65 -14.36 -29.27
N HIS A 335 4.74 -15.35 -30.15
CA HIS A 335 4.29 -16.68 -29.79
C HIS A 335 5.34 -17.36 -28.93
N ILE A 336 4.89 -17.94 -27.82
CA ILE A 336 5.74 -18.68 -26.94
C ILE A 336 5.33 -20.14 -27.11
N PRO A 337 6.27 -21.02 -27.51
CA PRO A 337 5.92 -22.39 -27.92
C PRO A 337 5.73 -23.42 -26.80
N THR A 338 5.35 -22.96 -25.62
CA THR A 338 5.11 -23.81 -24.48
C THR A 338 4.29 -25.07 -24.76
N MET A 339 3.11 -24.89 -25.33
CA MET A 339 2.22 -26.02 -25.54
C MET A 339 2.67 -26.94 -26.66
N GLU A 340 3.49 -26.44 -27.58
CA GLU A 340 4.06 -27.28 -28.64
C GLU A 340 5.23 -28.14 -28.11
N ASN A 341 5.70 -27.84 -26.90
CA ASN A 341 6.77 -28.59 -26.25
C ASN A 341 6.28 -29.48 -25.11
N GLY A 342 5.02 -29.89 -25.18
CA GLY A 342 4.45 -30.82 -24.20
C GLY A 342 3.17 -30.30 -23.56
N PRO A 343 3.25 -29.38 -22.60
CA PRO A 343 4.51 -28.81 -22.08
C PRO A 343 5.11 -29.74 -21.04
N GLU A 344 6.23 -30.36 -21.42
CA GLU A 344 6.78 -31.48 -20.68
C GLU A 344 7.14 -31.20 -19.23
N LEU A 345 7.83 -30.09 -19.01
CA LEU A 345 8.27 -29.72 -17.66
C LEU A 345 7.09 -29.32 -16.79
N ILE A 346 6.20 -28.50 -17.33
CA ILE A 346 5.01 -28.10 -16.63
C ILE A 346 4.22 -29.32 -16.19
N LEU A 347 4.00 -30.28 -17.11
CA LEU A 347 3.23 -31.49 -16.77
C LEU A 347 3.92 -32.30 -15.68
N ARG A 348 5.23 -32.37 -15.74
CA ARG A 348 5.99 -33.11 -14.75
C ARG A 348 5.89 -32.46 -13.37
N PHE A 349 6.03 -31.13 -13.31
CA PHE A 349 5.91 -30.44 -12.04
C PHE A 349 4.51 -30.65 -11.47
N GLN A 350 3.51 -30.52 -12.32
CA GLN A 350 2.11 -30.65 -11.88
C GLN A 350 1.83 -32.05 -11.32
N LYS A 351 2.33 -33.05 -12.02
CA LYS A 351 2.18 -34.45 -11.58
C LYS A 351 2.84 -34.68 -10.22
N GLU A 352 4.09 -34.24 -10.10
CA GLU A 352 4.83 -34.50 -8.88
C GLU A 352 4.23 -33.73 -7.68
N LEU A 353 3.81 -32.49 -7.92
CA LEU A 353 3.18 -31.71 -6.86
C LEU A 353 1.86 -32.33 -6.43
N LYS A 354 1.08 -32.78 -7.42
CA LYS A 354 -0.19 -33.44 -7.13
C LYS A 354 0.00 -34.68 -6.26
N GLU A 355 0.97 -35.51 -6.61
CA GLU A 355 1.29 -36.70 -5.81
C GLU A 355 1.59 -36.36 -4.36
N ILE A 356 2.36 -35.29 -4.16
CA ILE A 356 2.76 -34.83 -2.83
C ILE A 356 1.57 -34.20 -2.10
N GLN A 357 0.88 -33.29 -2.78
CA GLN A 357 -0.15 -32.49 -2.13
C GLN A 357 -1.37 -33.33 -1.71
N TYR A 358 -1.73 -34.31 -2.51
CA TYR A 358 -2.91 -35.14 -2.18
C TYR A 358 -2.60 -36.42 -1.41
N GLY A 359 -1.36 -36.56 -0.93
CA GLY A 359 -0.98 -37.71 -0.08
C GLY A 359 -0.79 -39.03 -0.79
N ILE A 360 -0.68 -38.99 -2.12
CA ILE A 360 -0.45 -40.20 -2.90
C ILE A 360 0.96 -40.70 -2.58
N ARG A 361 1.88 -39.76 -2.39
CA ARG A 361 3.26 -40.03 -2.06
C ARG A 361 3.62 -39.24 -0.79
N ALA A 362 3.92 -39.95 0.29
CA ALA A 362 4.24 -39.32 1.58
C ALA A 362 5.48 -38.44 1.42
N HIS A 363 5.45 -37.26 2.06
CA HIS A 363 6.52 -36.28 1.89
C HIS A 363 6.57 -35.27 3.06
N GLU A 364 7.79 -34.90 3.44
CA GLU A 364 8.05 -33.96 4.53
C GLU A 364 7.49 -32.56 4.26
N TRP A 365 7.15 -32.26 3.01
CA TRP A 365 6.61 -30.95 2.65
C TRP A 365 5.18 -30.77 3.16
N MET A 366 4.48 -31.88 3.44
CA MET A 366 3.11 -31.82 3.87
C MET A 366 2.96 -31.84 5.38
N PHE A 367 2.08 -30.96 5.88
CA PHE A 367 1.76 -30.79 7.30
C PHE A 367 0.37 -31.36 7.51
N PRO A 368 0.26 -32.45 8.28
CA PRO A 368 -1.08 -32.99 8.43
C PRO A 368 -1.97 -32.19 9.38
N VAL A 369 -3.24 -32.06 9.01
CA VAL A 369 -4.24 -31.42 9.86
C VAL A 369 -4.91 -32.47 10.76
N SER B 7 -23.68 8.36 -11.45
CA SER B 7 -23.88 9.75 -10.94
C SER B 7 -23.55 9.86 -9.46
N SER B 8 -22.97 10.99 -9.10
CA SER B 8 -22.51 11.24 -7.75
C SER B 8 -23.63 11.31 -6.74
N PHE B 9 -23.25 11.09 -5.49
CA PHE B 9 -24.11 11.42 -4.37
C PHE B 9 -24.24 12.94 -4.38
N LYS B 10 -25.35 13.43 -3.82
CA LYS B 10 -25.67 14.86 -3.84
C LYS B 10 -25.81 15.40 -2.43
N ALA B 11 -25.18 16.54 -2.15
CA ALA B 11 -25.35 17.20 -0.88
C ALA B 11 -26.83 17.52 -0.60
N ALA B 12 -27.61 17.76 -1.66
CA ALA B 12 -29.06 18.02 -1.51
C ALA B 12 -29.79 16.87 -0.81
N ASP B 13 -29.26 15.65 -0.95
CA ASP B 13 -29.83 14.43 -0.34
C ASP B 13 -29.27 14.06 1.02
N LEU B 14 -28.51 14.98 1.62
CA LEU B 14 -27.81 14.72 2.88
C LEU B 14 -28.77 14.36 4.01
N GLN B 15 -28.46 13.26 4.70
CA GLN B 15 -29.22 12.77 5.85
C GLN B 15 -28.46 13.09 7.13
N LEU B 16 -29.15 13.65 8.12
CA LEU B 16 -28.52 14.05 9.36
C LEU B 16 -29.07 13.32 10.58
N GLU B 17 -28.15 12.79 11.38
CA GLU B 17 -28.47 12.17 12.66
C GLU B 17 -27.53 12.75 13.72
N MET B 18 -28.08 13.57 14.60
CA MET B 18 -27.27 14.19 15.64
C MET B 18 -26.95 13.20 16.76
N THR B 19 -25.84 13.45 17.42
CA THR B 19 -25.30 12.56 18.42
C THR B 19 -26.07 12.69 19.72
N GLN B 20 -26.21 11.56 20.41
CA GLN B 20 -26.78 11.54 21.74
C GLN B 20 -25.68 11.22 22.74
N LYS B 21 -24.43 11.30 22.29
CA LYS B 21 -23.29 11.05 23.16
C LYS B 21 -22.21 12.14 22.97
N PRO B 22 -22.63 13.43 23.01
CA PRO B 22 -21.65 14.51 22.79
C PRO B 22 -20.51 14.41 23.78
N HIS B 23 -19.30 14.53 23.28
CA HIS B 23 -18.10 14.39 24.08
C HIS B 23 -17.61 15.80 24.42
N LYS B 24 -16.97 15.93 25.57
CA LYS B 24 -16.43 17.22 25.97
C LYS B 24 -15.21 17.53 25.09
N LYS B 25 -15.11 18.79 24.66
CA LYS B 25 -13.98 19.24 23.86
C LYS B 25 -12.72 19.23 24.71
N PRO B 26 -11.52 19.19 24.07
CA PRO B 26 -10.25 19.26 24.81
C PRO B 26 -10.13 20.50 25.70
N GLY B 27 -9.39 20.39 26.79
CA GLY B 27 -9.19 21.50 27.74
C GLY B 27 -7.93 22.29 27.49
N LEU B 32 -2.63 17.65 23.59
CA LEU B 32 -3.40 17.16 22.44
C LEU B 32 -2.47 16.67 21.32
N VAL B 33 -2.08 15.40 21.38
CA VAL B 33 -1.21 14.78 20.35
C VAL B 33 -1.97 14.78 19.02
N PHE B 34 -1.29 14.93 17.90
CA PHE B 34 -2.00 14.97 16.61
C PHE B 34 -2.70 13.65 16.31
N GLY B 35 -3.94 13.76 15.83
CA GLY B 35 -4.66 12.64 15.22
C GLY B 35 -5.26 11.58 16.13
N LYS B 36 -5.43 11.88 17.41
CA LYS B 36 -6.02 10.90 18.33
C LYS B 36 -7.36 11.33 18.95
N THR B 37 -7.75 12.58 18.76
CA THR B 37 -8.98 13.10 19.31
C THR B 37 -9.90 13.46 18.17
N PHE B 38 -11.12 12.95 18.22
CA PHE B 38 -12.05 13.15 17.13
C PHE B 38 -13.31 13.87 17.61
N THR B 39 -13.99 14.49 16.64
CA THR B 39 -15.20 15.26 16.92
C THR B 39 -16.42 14.34 16.97
N ASP B 40 -17.59 14.92 17.21
CA ASP B 40 -18.83 14.11 17.44
C ASP B 40 -19.45 13.42 16.24
N HIS B 41 -19.25 13.94 15.03
CA HIS B 41 -19.88 13.40 13.85
C HIS B 41 -18.88 13.05 12.77
N MET B 42 -19.36 12.32 11.77
CA MET B 42 -18.59 11.92 10.60
C MET B 42 -19.51 11.93 9.39
N LEU B 43 -18.93 12.00 8.19
CA LEU B 43 -19.68 11.84 6.97
C LEU B 43 -19.50 10.40 6.53
N MET B 44 -20.53 9.81 5.94
CA MET B 44 -20.41 8.47 5.37
C MET B 44 -21.24 8.39 4.11
N VAL B 45 -20.68 7.80 3.07
CA VAL B 45 -21.43 7.54 1.86
C VAL B 45 -21.05 6.13 1.39
N GLU B 46 -22.05 5.34 1.00
CA GLU B 46 -21.81 3.99 0.51
C GLU B 46 -22.02 3.90 -0.99
N TRP B 47 -21.20 3.08 -1.65
CA TRP B 47 -21.34 2.87 -3.06
C TRP B 47 -21.46 1.38 -3.32
N ASN B 48 -22.32 1.03 -4.28
CA ASN B 48 -22.44 -0.36 -4.72
C ASN B 48 -22.93 -0.42 -6.17
N ASP B 49 -23.45 -1.57 -6.60
CA ASP B 49 -23.89 -1.77 -7.98
C ASP B 49 -25.05 -0.90 -8.42
N LYS B 50 -25.77 -0.32 -7.46
CA LYS B 50 -26.83 0.63 -7.79
C LYS B 50 -26.34 2.06 -7.59
N GLY B 51 -25.01 2.24 -7.50
CA GLY B 51 -24.39 3.56 -7.42
C GLY B 51 -24.21 4.07 -6.00
N TRP B 52 -24.06 5.39 -5.88
CA TRP B 52 -23.89 6.01 -4.58
C TRP B 52 -25.21 6.10 -3.85
N GLY B 53 -25.18 5.79 -2.56
CA GLY B 53 -26.34 6.00 -1.70
C GLY B 53 -26.38 7.45 -1.29
N GLN B 54 -27.27 7.77 -0.36
CA GLN B 54 -27.40 9.15 0.11
C GLN B 54 -26.29 9.42 1.10
N PRO B 55 -25.67 10.60 1.00
CA PRO B 55 -24.65 10.84 1.99
C PRO B 55 -25.28 11.09 3.34
N ARG B 56 -24.61 10.71 4.39
CA ARG B 56 -25.13 10.99 5.71
C ARG B 56 -24.08 11.55 6.66
N ILE B 57 -24.55 12.46 7.52
CA ILE B 57 -23.79 12.94 8.66
C ILE B 57 -24.39 12.19 9.81
N GLN B 58 -23.54 11.48 10.53
CA GLN B 58 -24.00 10.58 11.57
C GLN B 58 -23.00 10.68 12.70
N PRO B 59 -23.37 10.21 13.89
CA PRO B 59 -22.44 10.25 14.99
C PRO B 59 -21.19 9.44 14.70
N PHE B 60 -20.10 9.86 15.28
CA PHE B 60 -18.82 9.16 15.15
C PHE B 60 -19.04 7.74 15.62
N GLN B 61 -18.66 6.77 14.79
CA GLN B 61 -18.90 5.37 15.12
C GLN B 61 -17.99 4.47 14.31
N ASN B 62 -17.91 3.21 14.73
CA ASN B 62 -17.08 2.23 14.05
C ASN B 62 -17.58 1.85 12.68
N LEU B 63 -16.64 1.39 11.86
CA LEU B 63 -16.93 0.82 10.59
C LEU B 63 -17.16 -0.68 10.85
N THR B 64 -18.07 -1.26 10.09
CA THR B 64 -18.32 -2.71 10.12
C THR B 64 -17.96 -3.23 8.74
N LEU B 65 -16.90 -4.04 8.67
CA LEU B 65 -16.38 -4.53 7.42
C LEU B 65 -16.32 -6.07 7.36
N HIS B 66 -16.72 -6.59 6.23
CA HIS B 66 -16.58 -8.00 5.90
C HIS B 66 -15.08 -8.32 5.98
N PRO B 67 -14.71 -9.47 6.57
CA PRO B 67 -13.27 -9.72 6.74
C PRO B 67 -12.46 -9.93 5.45
N ALA B 68 -13.13 -10.10 4.33
CA ALA B 68 -12.50 -10.17 3.04
C ALA B 68 -12.39 -8.80 2.36
N SER B 69 -12.82 -7.74 3.04
CA SER B 69 -12.87 -6.41 2.42
C SER B 69 -11.56 -6.07 1.72
N SER B 70 -11.64 -5.67 0.45
CA SER B 70 -10.46 -5.37 -0.34
C SER B 70 -9.65 -4.20 0.20
N SER B 71 -10.27 -3.37 1.04
CA SER B 71 -9.55 -2.30 1.73
C SER B 71 -8.41 -2.80 2.63
N LEU B 72 -8.57 -4.02 3.15
CA LEU B 72 -7.67 -4.60 4.14
C LEU B 72 -6.69 -5.64 3.57
N HIS B 73 -7.01 -6.19 2.41
CA HIS B 73 -6.16 -7.21 1.80
C HIS B 73 -5.26 -6.63 0.71
N TYR B 74 -5.81 -5.72 -0.09
CA TYR B 74 -5.13 -5.21 -1.30
C TYR B 74 -5.00 -3.70 -1.32
N SER B 75 -5.15 -3.11 -0.14
CA SER B 75 -4.88 -1.67 0.03
C SER B 75 -5.65 -0.77 -0.94
N LEU B 76 -6.92 -1.11 -1.16
CA LEU B 76 -7.80 -0.24 -1.95
C LEU B 76 -8.26 0.84 -0.99
N GLN B 77 -7.40 1.85 -0.83
CA GLN B 77 -7.59 2.89 0.17
C GLN B 77 -6.77 4.13 -0.21
N LEU B 78 -7.39 5.29 -0.01
CA LEU B 78 -6.76 6.59 -0.27
C LEU B 78 -7.34 7.55 0.72
N PHE B 79 -6.62 8.64 0.95
CA PHE B 79 -7.07 9.62 1.92
C PHE B 79 -6.69 11.03 1.49
N GLU B 80 -7.30 11.99 2.17
CA GLU B 80 -6.89 13.38 2.05
C GLU B 80 -6.62 13.97 3.42
N GLY B 81 -6.04 15.16 3.41
CA GLY B 81 -5.75 15.87 4.62
C GLY B 81 -5.78 17.35 4.34
N MET B 82 -6.63 18.08 5.04
CA MET B 82 -6.68 19.53 4.86
C MET B 82 -7.11 20.17 6.17
N LYS B 83 -6.84 21.46 6.34
CA LYS B 83 -7.17 22.12 7.58
C LYS B 83 -8.22 23.22 7.40
N ALA B 84 -9.03 23.37 8.45
CA ALA B 84 -9.98 24.45 8.61
C ALA B 84 -9.50 25.26 9.79
N PHE B 85 -9.71 26.57 9.71
CA PHE B 85 -9.20 27.52 10.68
C PHE B 85 -10.35 28.44 11.09
N LYS B 86 -10.35 28.81 12.34
CA LYS B 86 -11.36 29.70 12.90
C LYS B 86 -10.72 31.03 13.24
N GLY B 87 -11.31 32.10 12.68
CA GLY B 87 -10.82 33.45 12.91
C GLY B 87 -11.38 34.06 14.18
N LYS B 88 -10.94 35.29 14.46
CA LYS B 88 -11.43 36.07 15.62
C LYS B 88 -12.96 36.16 15.61
N ASP B 89 -13.53 36.35 14.42
CA ASP B 89 -14.98 36.44 14.29
C ASP B 89 -15.70 35.08 14.43
N GLN B 90 -14.95 34.03 14.76
CA GLN B 90 -15.47 32.65 14.92
C GLN B 90 -15.94 32.03 13.60
N GLN B 91 -15.60 32.67 12.48
CA GLN B 91 -15.90 32.14 11.16
C GLN B 91 -14.86 31.06 10.87
N VAL B 92 -15.32 29.92 10.41
CA VAL B 92 -14.44 28.82 10.04
C VAL B 92 -14.27 28.83 8.54
N ARG B 93 -13.03 28.61 8.09
CA ARG B 93 -12.69 28.59 6.68
C ARG B 93 -11.76 27.44 6.33
N LEU B 94 -11.98 26.82 5.19
CA LEU B 94 -11.08 25.78 4.67
C LEU B 94 -10.06 26.38 3.72
N PHE B 95 -8.83 25.89 3.79
CA PHE B 95 -7.74 26.35 2.94
C PHE B 95 -7.68 25.56 1.62
N ARG B 96 -7.94 26.28 0.52
CA ARG B 96 -7.90 25.74 -0.83
C ARG B 96 -8.44 24.31 -0.98
N PRO B 97 -9.62 24.01 -0.41
CA PRO B 97 -10.12 22.62 -0.39
C PRO B 97 -10.37 22.01 -1.77
N TRP B 98 -10.60 22.84 -2.78
CA TRP B 98 -10.82 22.36 -4.14
C TRP B 98 -9.60 21.58 -4.62
N LEU B 99 -8.40 21.98 -4.19
CA LEU B 99 -7.20 21.25 -4.60
C LEU B 99 -7.15 19.86 -3.98
N ASN B 100 -7.57 19.74 -2.72
CA ASN B 100 -7.65 18.41 -2.08
C ASN B 100 -8.69 17.53 -2.76
N MET B 101 -9.80 18.11 -3.17
CA MET B 101 -10.83 17.33 -3.87
C MET B 101 -10.31 16.84 -5.22
N ASP B 102 -9.59 17.70 -5.95
CA ASP B 102 -8.99 17.33 -7.23
C ASP B 102 -8.04 16.12 -7.00
N ARG B 103 -7.18 16.24 -6.00
CA ARG B 103 -6.21 15.21 -5.71
C ARG B 103 -6.91 13.89 -5.31
N MET B 104 -7.91 13.98 -4.45
CA MET B 104 -8.71 12.81 -4.05
C MET B 104 -9.35 12.07 -5.23
N LEU B 105 -9.92 12.81 -6.18
CA LEU B 105 -10.52 12.18 -7.34
C LEU B 105 -9.47 11.48 -8.20
N ARG B 106 -8.29 12.09 -8.37
CA ARG B 106 -7.23 11.46 -9.13
C ARG B 106 -6.82 10.15 -8.43
N SER B 107 -6.73 10.16 -7.10
CA SER B 107 -6.37 8.92 -6.36
C SER B 107 -7.41 7.85 -6.57
N ALA B 108 -8.67 8.25 -6.53
CA ALA B 108 -9.77 7.32 -6.73
C ALA B 108 -9.67 6.62 -8.09
N MET B 109 -9.40 7.39 -9.15
N MET B 109 -9.43 7.39 -9.16
CA MET B 109 -9.27 6.81 -10.50
CA MET B 109 -9.27 6.84 -10.51
C MET B 109 -8.09 5.85 -10.57
C MET B 109 -8.10 5.86 -10.56
N ARG B 110 -6.99 6.21 -9.90
CA ARG B 110 -5.80 5.36 -9.92
C ARG B 110 -6.04 3.99 -9.32
N LEU B 111 -6.89 3.92 -8.29
CA LEU B 111 -7.24 2.67 -7.60
C LEU B 111 -8.55 2.05 -8.09
N CYS B 112 -9.09 2.54 -9.22
CA CYS B 112 -10.34 1.97 -9.77
C CYS B 112 -11.50 2.01 -8.77
N LEU B 113 -11.51 3.07 -7.96
CA LEU B 113 -12.57 3.33 -7.00
C LEU B 113 -13.51 4.33 -7.66
N PRO B 114 -14.76 4.40 -7.18
CA PRO B 114 -15.76 5.17 -7.90
C PRO B 114 -15.55 6.67 -7.90
N SER B 115 -15.82 7.26 -9.04
CA SER B 115 -15.82 8.70 -9.21
C SER B 115 -16.94 9.32 -8.36
N PHE B 116 -16.77 10.60 -8.04
CA PHE B 116 -17.76 11.38 -7.29
C PHE B 116 -17.61 12.81 -7.76
N ASP B 117 -18.58 13.65 -7.42
CA ASP B 117 -18.55 15.05 -7.80
C ASP B 117 -17.83 15.82 -6.70
N LYS B 118 -16.74 16.49 -7.08
CA LYS B 118 -15.88 17.22 -6.16
C LYS B 118 -16.61 18.31 -5.41
N LEU B 119 -17.48 19.04 -6.10
CA LEU B 119 -18.27 20.09 -5.42
C LEU B 119 -19.35 19.52 -4.51
N GLU B 120 -19.91 18.34 -4.83
CA GLU B 120 -20.88 17.71 -3.92
C GLU B 120 -20.18 17.25 -2.65
N LEU B 121 -19.03 16.60 -2.80
CA LEU B 121 -18.29 16.19 -1.62
C LEU B 121 -17.88 17.40 -0.77
N LEU B 122 -17.37 18.45 -1.40
CA LEU B 122 -16.96 19.64 -0.66
C LEU B 122 -18.13 20.25 0.14
N GLU B 123 -19.32 20.30 -0.45
CA GLU B 123 -20.49 20.80 0.29
C GLU B 123 -20.85 19.87 1.45
N CYS B 124 -20.78 18.56 1.24
CA CYS B 124 -21.02 17.61 2.34
C CYS B 124 -20.03 17.82 3.49
N ILE B 125 -18.76 18.05 3.14
CA ILE B 125 -17.74 18.32 4.15
C ILE B 125 -18.03 19.64 4.91
N ARG B 126 -18.43 20.67 4.16
CA ARG B 126 -18.80 21.95 4.77
C ARG B 126 -19.92 21.76 5.79
N ARG B 127 -20.95 21.01 5.39
CA ARG B 127 -22.08 20.71 6.27
C ARG B 127 -21.62 19.97 7.52
N LEU B 128 -20.69 19.02 7.36
CA LEU B 128 -20.17 18.28 8.50
C LEU B 128 -19.41 19.17 9.45
N ILE B 129 -18.54 20.02 8.90
CA ILE B 129 -17.78 20.93 9.73
C ILE B 129 -18.74 21.95 10.40
N GLU B 130 -19.76 22.39 9.67
CA GLU B 130 -20.78 23.30 10.25
C GLU B 130 -21.45 22.65 11.47
N VAL B 131 -21.80 21.36 11.35
CA VAL B 131 -22.38 20.65 12.49
C VAL B 131 -21.42 20.61 13.67
N ASP B 132 -20.13 20.33 13.42
CA ASP B 132 -19.14 20.25 14.49
C ASP B 132 -18.31 21.53 14.63
N LYS B 133 -18.87 22.68 14.24
CA LYS B 133 -18.09 23.93 14.24
C LYS B 133 -17.49 24.29 15.60
N ASP B 134 -18.17 23.96 16.69
CA ASP B 134 -17.65 24.25 18.02
C ASP B 134 -16.39 23.48 18.36
N TRP B 135 -16.10 22.40 17.65
CA TRP B 135 -14.86 21.69 17.82
C TRP B 135 -13.64 22.38 17.21
N VAL B 136 -13.87 23.33 16.30
CA VAL B 136 -12.74 24.04 15.66
C VAL B 136 -12.14 24.99 16.70
N PRO B 137 -10.88 24.72 17.13
CA PRO B 137 -10.25 25.63 18.09
C PRO B 137 -9.89 26.99 17.46
N ASP B 138 -9.67 27.99 18.29
CA ASP B 138 -9.29 29.31 17.77
C ASP B 138 -8.05 29.90 18.44
N ALA B 139 -7.38 29.12 19.29
CA ALA B 139 -6.10 29.54 19.84
C ALA B 139 -5.03 29.62 18.74
N ALA B 140 -3.99 30.39 19.00
CA ALA B 140 -2.91 30.60 18.04
C ALA B 140 -2.34 29.29 17.53
N GLY B 141 -2.21 29.17 16.20
CA GLY B 141 -1.64 28.00 15.58
C GLY B 141 -2.51 26.76 15.55
N THR B 142 -3.71 26.84 16.10
CA THR B 142 -4.61 25.68 16.17
C THR B 142 -5.50 25.61 14.93
N SER B 143 -6.11 24.45 14.69
CA SER B 143 -6.91 24.21 13.52
C SER B 143 -7.72 22.93 13.68
N LEU B 144 -8.59 22.67 12.72
CA LEU B 144 -9.30 21.41 12.63
C LEU B 144 -8.71 20.66 11.43
N TYR B 145 -8.25 19.42 11.65
CA TYR B 145 -7.75 18.58 10.55
C TYR B 145 -8.90 17.75 10.00
N VAL B 146 -9.06 17.77 8.68
CA VAL B 146 -10.15 17.12 7.99
C VAL B 146 -9.54 15.94 7.23
N ARG B 147 -10.06 14.74 7.51
CA ARG B 147 -9.52 13.49 6.92
C ARG B 147 -10.61 12.74 6.15
N PRO B 148 -10.72 13.03 4.83
CA PRO B 148 -11.55 12.23 3.96
C PRO B 148 -10.82 10.93 3.60
N VAL B 149 -11.59 9.86 3.48
CA VAL B 149 -11.08 8.53 3.12
C VAL B 149 -12.03 7.87 2.11
N LEU B 150 -11.46 7.17 1.13
CA LEU B 150 -12.25 6.35 0.22
C LEU B 150 -11.60 4.97 0.19
N ILE B 151 -12.39 3.94 0.48
CA ILE B 151 -11.85 2.58 0.50
C ILE B 151 -12.73 1.64 -0.32
N GLY B 152 -12.10 0.64 -0.93
CA GLY B 152 -12.84 -0.44 -1.55
C GLY B 152 -13.37 -1.37 -0.50
N ASN B 153 -14.45 -2.07 -0.83
CA ASN B 153 -15.10 -2.88 0.18
C ASN B 153 -15.76 -4.11 -0.39
N GLU B 154 -15.09 -4.73 -1.35
CA GLU B 154 -15.61 -5.94 -1.99
C GLU B 154 -15.31 -7.09 -1.04
N PRO B 155 -16.31 -7.95 -0.77
CA PRO B 155 -16.08 -9.09 0.12
C PRO B 155 -15.55 -10.28 -0.69
N SER B 156 -14.40 -10.08 -1.30
CA SER B 156 -13.83 -11.06 -2.21
C SER B 156 -12.32 -11.00 -2.16
N LEU B 157 -11.68 -12.17 -2.22
CA LEU B 157 -10.23 -12.26 -2.26
C LEU B 157 -9.64 -12.09 -3.66
N GLY B 158 -10.48 -11.91 -4.67
CA GLY B 158 -9.97 -11.60 -6.01
C GLY B 158 -9.36 -10.21 -6.04
N VAL B 159 -8.22 -10.07 -6.70
CA VAL B 159 -7.60 -8.76 -6.85
C VAL B 159 -8.30 -8.11 -8.04
N SER B 160 -9.27 -7.25 -7.77
CA SER B 160 -10.17 -6.80 -8.83
C SER B 160 -10.75 -5.43 -8.50
N GLN B 161 -11.40 -4.80 -9.49
CA GLN B 161 -12.07 -3.51 -9.24
C GLN B 161 -13.25 -3.77 -8.32
N PRO B 162 -13.35 -3.04 -7.19
CA PRO B 162 -14.45 -3.37 -6.29
C PRO B 162 -15.81 -2.93 -6.83
N THR B 163 -16.84 -3.66 -6.45
CA THR B 163 -18.21 -3.31 -6.79
C THR B 163 -18.87 -2.61 -5.61
N ARG B 164 -18.12 -2.46 -4.52
CA ARG B 164 -18.57 -1.75 -3.32
C ARG B 164 -17.44 -0.87 -2.79
N ALA B 165 -17.82 0.25 -2.19
CA ALA B 165 -16.85 1.20 -1.65
C ALA B 165 -17.52 2.02 -0.57
N LEU B 166 -16.71 2.69 0.24
CA LEU B 166 -17.18 3.56 1.30
C LEU B 166 -16.34 4.81 1.27
N LEU B 167 -17.00 5.95 1.35
CA LEU B 167 -16.32 7.22 1.49
C LEU B 167 -16.74 7.79 2.83
N PHE B 168 -15.77 8.14 3.68
CA PHE B 168 -16.08 8.76 4.96
C PHE B 168 -15.15 9.89 5.27
N VAL B 169 -15.58 10.75 6.20
CA VAL B 169 -14.78 11.87 6.62
C VAL B 169 -14.81 12.00 8.13
N ILE B 170 -13.63 12.09 8.74
CA ILE B 170 -13.52 12.32 10.16
C ILE B 170 -12.72 13.60 10.41
N LEU B 171 -12.92 14.18 11.59
CA LEU B 171 -12.37 15.48 11.95
C LEU B 171 -11.59 15.39 13.26
N CYS B 172 -10.46 16.09 13.32
N CYS B 172 -10.55 16.20 13.36
CA CYS B 172 -9.64 16.16 14.54
CA CYS B 172 -9.64 16.13 14.49
C CYS B 172 -9.33 17.60 14.87
C CYS B 172 -9.14 17.51 14.92
N PRO B 173 -9.57 18.03 16.11
CA PRO B 173 -9.01 19.33 16.52
C PRO B 173 -7.51 19.14 16.72
N VAL B 174 -6.72 20.12 16.33
CA VAL B 174 -5.28 20.02 16.44
C VAL B 174 -4.70 21.25 17.12
N GLY B 175 -3.68 20.99 17.94
CA GLY B 175 -2.94 22.05 18.60
C GLY B 175 -1.88 22.68 17.72
N ALA B 176 -1.20 23.68 18.28
CA ALA B 176 -0.14 24.39 17.58
C ALA B 176 1.01 23.42 17.33
N TYR B 177 1.53 23.41 16.11
CA TYR B 177 2.66 22.55 15.79
C TYR B 177 3.94 22.98 16.49
N PHE B 178 4.16 24.30 16.57
CA PHE B 178 5.30 24.88 17.26
C PHE B 178 4.87 25.60 18.55
N PRO B 179 5.51 25.27 19.69
CA PRO B 179 5.25 25.99 20.95
C PRO B 179 5.57 27.49 20.84
N GLY B 180 4.55 28.33 21.04
CA GLY B 180 4.71 29.79 20.90
C GLY B 180 4.73 30.26 19.45
N GLY B 181 4.35 29.36 18.52
CA GLY B 181 4.33 29.69 17.09
C GLY B 181 5.69 29.85 16.43
N SER B 182 6.76 29.74 17.22
CA SER B 182 8.12 29.95 16.74
C SER B 182 8.71 28.68 16.11
N VAL B 183 9.10 28.77 14.83
CA VAL B 183 9.65 27.62 14.12
C VAL B 183 10.93 27.11 14.74
N THR B 184 11.04 25.79 14.84
CA THR B 184 12.24 25.12 15.31
C THR B 184 12.65 24.12 14.23
N PRO B 185 13.95 24.07 13.93
CA PRO B 185 14.42 23.22 12.84
C PRO B 185 14.61 21.75 13.20
N VAL B 186 14.61 20.92 12.16
CA VAL B 186 14.79 19.49 12.29
C VAL B 186 16.03 19.00 11.59
N SER B 187 16.49 17.83 12.01
CA SER B 187 17.59 17.12 11.38
C SER B 187 17.03 16.01 10.51
N LEU B 188 17.75 15.73 9.43
CA LEU B 188 17.31 14.76 8.43
C LEU B 188 18.36 13.69 8.14
N LEU B 189 17.91 12.45 7.98
CA LEU B 189 18.77 11.36 7.52
C LEU B 189 18.64 11.27 5.99
N ALA B 190 19.76 11.38 5.27
CA ALA B 190 19.79 11.26 3.81
C ALA B 190 20.57 10.01 3.40
N ASP B 191 19.88 8.89 3.34
CA ASP B 191 20.49 7.62 2.96
C ASP B 191 19.82 7.10 1.67
N PRO B 192 20.59 6.96 0.58
CA PRO B 192 19.97 6.50 -0.67
C PRO B 192 19.38 5.09 -0.64
N ALA B 193 19.62 4.32 0.41
CA ALA B 193 19.06 2.99 0.49
C ALA B 193 17.54 3.02 0.58
N PHE B 194 16.98 4.11 1.10
CA PHE B 194 15.56 4.23 1.35
C PHE B 194 14.87 4.89 0.17
N ILE B 195 13.88 4.22 -0.40
CA ILE B 195 13.20 4.77 -1.58
C ILE B 195 11.68 4.87 -1.36
N ARG B 196 11.18 6.10 -1.35
CA ARG B 196 9.78 6.36 -1.06
C ARG B 196 8.87 6.00 -2.21
N ALA B 197 9.37 6.25 -3.42
CA ALA B 197 8.53 6.22 -4.63
C ALA B 197 9.41 6.16 -5.86
N TRP B 198 8.83 5.65 -6.95
N TRP B 198 8.84 5.72 -6.97
CA TRP B 198 9.55 5.41 -8.21
CA TRP B 198 9.63 5.63 -8.20
C TRP B 198 8.82 6.05 -9.39
C TRP B 198 8.83 6.11 -9.38
N VAL B 199 9.55 6.48 -10.42
CA VAL B 199 8.92 7.03 -11.64
C VAL B 199 8.07 5.91 -12.23
N GLY B 200 6.82 6.23 -12.55
CA GLY B 200 5.87 5.27 -13.03
C GLY B 200 5.14 4.56 -11.91
N GLY B 201 5.46 4.93 -10.65
CA GLY B 201 4.77 4.37 -9.51
C GLY B 201 3.58 5.19 -9.08
N VAL B 202 3.29 5.18 -7.78
CA VAL B 202 2.09 5.86 -7.24
C VAL B 202 2.41 6.84 -6.10
N GLY B 203 3.67 7.26 -6.01
CA GLY B 203 4.07 8.15 -4.93
C GLY B 203 3.47 9.54 -5.06
N ASN B 204 3.01 9.90 -6.26
CA ASN B 204 2.34 11.18 -6.47
C ASN B 204 0.85 11.18 -6.15
N TYR B 205 0.34 10.08 -5.59
CA TYR B 205 -1.05 9.97 -5.13
C TYR B 205 -1.04 9.74 -3.64
N LYS B 206 -2.08 10.21 -2.96
CA LYS B 206 -2.17 10.06 -1.52
C LYS B 206 -2.84 8.73 -1.17
N LEU B 207 -2.12 7.65 -1.44
CA LEU B 207 -2.60 6.29 -1.20
C LEU B 207 -1.98 5.74 0.07
N GLY B 208 -2.76 5.01 0.85
CA GLY B 208 -2.29 4.42 2.08
C GLY B 208 -1.00 3.62 1.91
N GLY B 209 -0.89 2.91 0.79
CA GLY B 209 0.25 2.06 0.54
C GLY B 209 1.59 2.74 0.53
N ASN B 210 1.59 4.05 0.31
CA ASN B 210 2.82 4.81 0.31
C ASN B 210 3.36 5.10 1.70
N TYR B 211 2.55 4.90 2.73
CA TYR B 211 2.86 5.33 4.09
C TYR B 211 3.34 4.21 5.01
N GLY B 212 2.64 3.08 5.00
CA GLY B 212 3.02 1.98 5.89
C GLY B 212 4.50 1.62 5.85
N PRO B 213 5.09 1.48 4.63
CA PRO B 213 6.49 1.12 4.51
C PRO B 213 7.49 2.14 5.06
N THR B 214 7.04 3.36 5.32
CA THR B 214 7.96 4.37 5.83
C THR B 214 8.14 4.32 7.34
N VAL B 215 7.27 3.59 8.04
CA VAL B 215 7.34 3.57 9.51
C VAL B 215 8.68 3.03 9.98
N LEU B 216 9.14 1.92 9.40
CA LEU B 216 10.45 1.36 9.76
C LEU B 216 11.61 2.29 9.40
N VAL B 217 11.47 3.00 8.28
CA VAL B 217 12.51 3.89 7.83
C VAL B 217 12.66 5.04 8.84
N GLN B 218 11.52 5.62 9.27
CA GLN B 218 11.53 6.69 10.25
C GLN B 218 12.16 6.19 11.55
N GLN B 219 11.87 4.95 11.93
CA GLN B 219 12.55 4.39 13.14
C GLN B 219 14.06 4.34 13.00
N GLU B 220 14.54 4.00 11.80
CA GLU B 220 15.98 3.97 11.54
C GLU B 220 16.55 5.39 11.62
N ALA B 221 15.79 6.36 11.10
CA ALA B 221 16.22 7.76 11.18
C ALA B 221 16.45 8.15 12.63
N LEU B 222 15.49 7.85 13.49
CA LEU B 222 15.63 8.15 14.91
C LEU B 222 16.82 7.41 15.52
N LYS B 223 16.98 6.14 15.18
CA LYS B 223 18.13 5.37 15.71
C LYS B 223 19.46 6.02 15.35
N ARG B 224 19.51 6.68 14.19
CA ARG B 224 20.72 7.36 13.75
C ARG B 224 20.80 8.81 14.21
N GLY B 225 19.96 9.19 15.16
CA GLY B 225 19.99 10.54 15.74
C GLY B 225 19.35 11.65 14.93
N CYS B 226 18.59 11.31 13.89
CA CYS B 226 17.91 12.28 13.05
C CYS B 226 16.41 12.27 13.34
N GLU B 227 15.71 13.36 13.00
CA GLU B 227 14.29 13.52 13.29
C GLU B 227 13.32 13.14 12.18
N GLN B 228 13.77 13.29 10.93
CA GLN B 228 12.95 12.98 9.76
C GLN B 228 13.85 12.43 8.67
N VAL B 229 13.20 11.88 7.64
CA VAL B 229 13.87 11.27 6.51
C VAL B 229 13.90 12.21 5.29
N LEU B 230 15.08 12.45 4.73
CA LEU B 230 15.22 13.14 3.46
C LEU B 230 15.22 12.05 2.39
N TRP B 231 14.16 12.00 1.59
CA TRP B 231 14.00 10.93 0.58
C TRP B 231 14.79 11.23 -0.68
N LEU B 232 15.84 10.46 -0.91
CA LEU B 232 16.69 10.60 -2.08
C LEU B 232 16.21 9.68 -3.19
N TYR B 233 16.41 10.14 -4.42
CA TYR B 233 16.00 9.37 -5.59
C TYR B 233 17.03 9.43 -6.72
N GLY B 234 17.26 8.29 -7.37
CA GLY B 234 18.08 8.25 -8.55
C GLY B 234 19.56 8.11 -8.25
N PRO B 235 20.35 7.81 -9.28
CA PRO B 235 21.79 7.65 -9.05
C PRO B 235 22.48 8.95 -8.67
N ASP B 236 21.84 10.10 -8.97
CA ASP B 236 22.40 11.41 -8.65
C ASP B 236 21.84 12.00 -7.34
N HIS B 237 21.21 11.14 -6.54
CA HIS B 237 20.70 11.50 -5.21
C HIS B 237 19.89 12.80 -5.20
N GLN B 238 18.81 12.78 -5.96
CA GLN B 238 17.91 13.92 -6.03
C GLN B 238 17.18 14.01 -4.71
N LEU B 239 17.00 15.23 -4.22
CA LEU B 239 16.21 15.45 -3.02
C LEU B 239 14.75 15.53 -3.45
N THR B 240 13.90 14.64 -2.95
CA THR B 240 12.51 14.63 -3.45
C THR B 240 11.54 15.19 -2.44
N GLU B 241 11.49 14.58 -1.27
CA GLU B 241 10.58 14.99 -0.21
C GLU B 241 11.27 14.79 1.13
N VAL B 242 10.65 15.32 2.16
CA VAL B 242 11.18 15.25 3.51
C VAL B 242 10.04 14.79 4.44
N GLY B 243 10.25 13.67 5.12
CA GLY B 243 9.18 13.08 5.92
C GLY B 243 7.95 12.88 5.05
N THR B 244 6.84 13.51 5.41
CA THR B 244 5.62 13.49 4.59
C THR B 244 5.30 14.90 4.06
N MET B 245 6.35 15.62 3.71
CA MET B 245 6.28 17.02 3.27
C MET B 245 7.08 17.23 2.00
N ASN B 246 6.72 18.27 1.25
CA ASN B 246 7.52 18.65 0.10
C ASN B 246 8.76 19.42 0.60
N ILE B 247 9.78 19.52 -0.25
CA ILE B 247 11.03 20.17 0.13
C ILE B 247 11.32 21.39 -0.74
N PHE B 248 11.81 22.43 -0.09
CA PHE B 248 12.17 23.68 -0.76
C PHE B 248 13.58 24.09 -0.36
N VAL B 249 14.27 24.75 -1.28
CA VAL B 249 15.60 25.30 -1.05
C VAL B 249 15.62 26.74 -1.53
N TYR B 250 16.09 27.64 -0.67
CA TYR B 250 16.23 29.06 -0.99
C TYR B 250 17.72 29.33 -0.99
N TRP B 251 18.25 29.68 -2.16
CA TRP B 251 19.70 29.79 -2.33
C TRP B 251 20.08 30.71 -3.47
N THR B 252 21.34 31.13 -3.51
CA THR B 252 21.86 31.77 -4.71
C THR B 252 22.34 30.60 -5.55
N HIS B 253 21.77 30.45 -6.75
CA HIS B 253 22.06 29.30 -7.60
C HIS B 253 23.46 29.43 -8.23
N GLU B 254 23.92 28.34 -8.84
N GLU B 254 23.93 28.33 -8.81
CA GLU B 254 25.21 28.27 -9.51
CA GLU B 254 25.23 28.29 -9.49
C GLU B 254 25.43 29.36 -10.56
C GLU B 254 25.43 29.39 -10.54
N ASP B 255 24.34 29.96 -11.05
CA ASP B 255 24.43 31.08 -12.01
C ASP B 255 24.41 32.47 -11.33
N GLY B 256 24.51 32.51 -9.99
CA GLY B 256 24.55 33.78 -9.25
C GLY B 256 23.20 34.44 -8.94
N VAL B 257 22.11 33.79 -9.36
CA VAL B 257 20.76 34.36 -9.18
C VAL B 257 20.09 33.74 -7.96
N LEU B 258 19.55 34.61 -7.10
CA LEU B 258 18.80 34.19 -5.91
C LEU B 258 17.51 33.50 -6.35
N GLU B 259 17.25 32.31 -5.82
CA GLU B 259 16.04 31.60 -6.24
C GLU B 259 15.48 30.71 -5.15
N LEU B 260 14.19 30.41 -5.30
CA LEU B 260 13.48 29.40 -4.52
C LEU B 260 13.22 28.28 -5.50
N VAL B 261 13.70 27.08 -5.16
CA VAL B 261 13.53 25.89 -5.99
C VAL B 261 12.86 24.76 -5.22
N THR B 262 12.05 23.99 -5.92
CA THR B 262 11.43 22.79 -5.37
C THR B 262 11.41 21.76 -6.48
N PRO B 263 11.47 20.47 -6.15
CA PRO B 263 11.50 19.51 -7.25
C PRO B 263 10.22 19.52 -8.08
N PRO B 264 10.34 19.25 -9.40
CA PRO B 264 9.17 19.26 -10.27
C PRO B 264 8.33 18.00 -10.10
N LEU B 265 7.10 18.09 -10.57
CA LEU B 265 6.13 17.01 -10.47
C LEU B 265 6.35 15.98 -11.57
N ASN B 266 7.40 15.18 -11.42
CA ASN B 266 7.78 14.16 -12.38
C ASN B 266 7.25 12.76 -12.05
N GLY B 267 6.41 12.66 -11.03
CA GLY B 267 5.87 11.35 -10.64
C GLY B 267 6.27 10.82 -9.28
N VAL B 268 7.41 11.25 -8.74
CA VAL B 268 7.82 10.81 -7.41
C VAL B 268 7.50 11.85 -6.32
N ILE B 269 6.84 12.94 -6.72
CA ILE B 269 6.53 14.03 -5.80
C ILE B 269 5.02 14.10 -5.62
N LEU B 270 4.56 14.15 -4.38
CA LEU B 270 3.13 14.39 -4.11
C LEU B 270 2.88 15.90 -4.32
N PRO B 271 1.88 16.27 -5.16
CA PRO B 271 1.65 17.70 -5.40
C PRO B 271 0.93 18.38 -4.24
N GLY B 272 1.73 18.84 -3.28
CA GLY B 272 1.23 19.47 -2.08
C GLY B 272 0.45 20.75 -2.34
N VAL B 273 -0.62 20.93 -1.56
CA VAL B 273 -1.38 22.17 -1.60
C VAL B 273 -0.53 23.30 -1.04
N VAL B 274 0.19 23.04 0.06
CA VAL B 274 1.02 24.10 0.61
C VAL B 274 2.14 24.41 -0.38
N ARG B 275 2.75 23.38 -0.95
CA ARG B 275 3.79 23.53 -1.96
C ARG B 275 3.32 24.46 -3.08
N GLN B 276 2.14 24.19 -3.62
CA GLN B 276 1.66 25.04 -4.70
C GLN B 276 1.44 26.46 -4.24
N SER B 277 0.89 26.61 -3.05
CA SER B 277 0.65 27.93 -2.47
C SER B 277 1.95 28.73 -2.26
N LEU B 278 3.04 28.08 -1.84
CA LEU B 278 4.33 28.76 -1.69
C LEU B 278 4.85 29.25 -3.03
N LEU B 279 4.74 28.41 -4.05
CA LEU B 279 5.13 28.81 -5.39
C LEU B 279 4.30 30.00 -5.86
N ASP B 280 2.98 29.95 -5.62
CA ASP B 280 2.07 31.01 -6.07
C ASP B 280 2.38 32.32 -5.36
N MET B 281 2.61 32.24 -4.06
CA MET B 281 2.89 33.41 -3.23
C MET B 281 4.22 34.05 -3.65
N ALA B 282 5.27 33.23 -3.77
CA ALA B 282 6.58 33.77 -4.15
C ALA B 282 6.55 34.34 -5.58
N GLN B 283 5.79 33.72 -6.49
CA GLN B 283 5.67 34.26 -7.84
C GLN B 283 4.98 35.62 -7.84
N THR B 284 3.94 35.75 -7.03
CA THR B 284 3.19 37.00 -6.92
C THR B 284 4.06 38.15 -6.43
N TRP B 285 4.94 37.88 -5.47
CA TRP B 285 5.83 38.91 -4.95
C TRP B 285 6.78 39.43 -6.04
N GLY B 286 7.29 38.52 -6.86
CA GLY B 286 8.15 38.91 -7.99
C GLY B 286 9.47 39.53 -7.58
N GLU B 287 9.99 39.07 -6.44
CA GLU B 287 11.24 39.58 -5.90
C GLU B 287 12.43 38.71 -6.21
N PHE B 288 12.20 37.44 -6.54
CA PHE B 288 13.28 36.51 -6.85
C PHE B 288 12.75 35.40 -7.75
N ARG B 289 13.67 34.66 -8.32
CA ARG B 289 13.33 33.61 -9.23
C ARG B 289 12.66 32.47 -8.47
N VAL B 290 11.56 31.98 -9.03
CA VAL B 290 10.82 30.84 -8.49
C VAL B 290 10.80 29.75 -9.56
N VAL B 291 11.30 28.56 -9.21
CA VAL B 291 11.48 27.51 -10.20
C VAL B 291 11.20 26.09 -9.67
N GLU B 292 10.74 25.23 -10.56
CA GLU B 292 10.60 23.81 -10.29
C GLU B 292 11.72 23.10 -11.06
N ARG B 293 12.70 22.59 -10.33
CA ARG B 293 13.85 21.94 -10.92
C ARG B 293 14.38 20.85 -9.98
N THR B 294 14.95 19.79 -10.55
CA THR B 294 15.59 18.75 -9.77
C THR B 294 16.71 19.38 -8.95
N ILE B 295 16.85 18.91 -7.71
CA ILE B 295 17.88 19.36 -6.80
C ILE B 295 18.67 18.12 -6.42
N THR B 296 19.99 18.14 -6.60
CA THR B 296 20.80 16.99 -6.26
C THR B 296 21.68 17.29 -5.05
N MET B 297 22.08 16.23 -4.35
CA MET B 297 22.98 16.38 -3.21
C MET B 297 24.31 17.01 -3.63
N LYS B 298 24.77 16.71 -4.84
CA LYS B 298 26.01 17.33 -5.36
C LYS B 298 25.87 18.85 -5.38
N GLN B 299 24.73 19.34 -5.88
CA GLN B 299 24.47 20.77 -5.95
C GLN B 299 24.38 21.38 -4.56
N LEU B 300 23.73 20.67 -3.65
CA LEU B 300 23.56 21.17 -2.29
C LEU B 300 24.92 21.24 -1.56
N LEU B 301 25.69 20.16 -1.65
CA LEU B 301 27.05 20.14 -1.05
C LEU B 301 27.86 21.33 -1.54
N ARG B 302 27.88 21.57 -2.84
CA ARG B 302 28.65 22.69 -3.40
C ARG B 302 28.12 24.03 -2.90
N ALA B 303 26.80 24.19 -2.91
CA ALA B 303 26.20 25.43 -2.49
C ALA B 303 26.51 25.71 -1.01
N LEU B 304 26.55 24.66 -0.19
CA LEU B 304 26.86 24.81 1.23
C LEU B 304 28.33 25.22 1.43
N GLU B 305 29.24 24.58 0.68
CA GLU B 305 30.66 24.94 0.79
C GLU B 305 30.91 26.37 0.32
N GLU B 306 30.13 26.83 -0.66
CA GLU B 306 30.30 28.18 -1.20
C GLU B 306 29.47 29.23 -0.48
N GLY B 307 28.78 28.84 0.61
CA GLY B 307 27.96 29.78 1.38
C GLY B 307 26.75 30.33 0.64
N ARG B 308 26.19 29.56 -0.29
CA ARG B 308 25.10 30.04 -1.12
C ARG B 308 23.70 29.63 -0.66
N VAL B 309 23.64 28.73 0.30
CA VAL B 309 22.36 28.25 0.83
C VAL B 309 21.90 29.18 1.92
N ARG B 310 20.66 29.64 1.80
CA ARG B 310 20.03 30.46 2.83
C ARG B 310 19.12 29.64 3.73
N GLU B 311 18.15 28.95 3.12
CA GLU B 311 17.13 28.22 3.89
C GLU B 311 16.72 26.94 3.18
N VAL B 312 16.49 25.91 3.99
CA VAL B 312 15.95 24.63 3.50
C VAL B 312 14.77 24.30 4.40
N PHE B 313 13.66 23.88 3.82
CA PHE B 313 12.50 23.62 4.62
C PHE B 313 11.53 22.67 3.92
N GLY B 314 10.73 22.00 4.74
CA GLY B 314 9.62 21.19 4.25
C GLY B 314 8.35 22.01 4.29
N SER B 315 7.39 21.63 3.44
CA SER B 315 6.07 22.25 3.39
C SER B 315 5.00 21.17 3.44
N GLY B 316 3.90 21.49 4.11
CA GLY B 316 2.79 20.56 4.22
C GLY B 316 1.77 21.07 5.21
N THR B 317 0.57 20.47 5.21
CA THR B 317 -0.52 20.87 6.09
C THR B 317 -0.18 20.79 7.59
N ALA B 318 0.73 19.88 7.98
CA ALA B 318 1.08 19.71 9.40
C ALA B 318 1.56 20.98 10.06
N CYS B 319 2.47 21.73 9.43
CA CYS B 319 2.87 22.98 10.07
C CYS B 319 3.16 24.14 9.14
N GLN B 320 2.70 23.99 7.89
CA GLN B 320 2.85 24.94 6.80
C GLN B 320 4.29 24.87 6.31
N VAL B 321 5.25 25.33 7.11
CA VAL B 321 6.64 25.26 6.71
C VAL B 321 7.53 24.94 7.91
N CYS B 322 8.53 24.10 7.71
CA CYS B 322 9.42 23.68 8.79
C CYS B 322 10.88 23.76 8.37
N PRO B 323 11.69 24.52 9.11
CA PRO B 323 13.10 24.66 8.77
C PRO B 323 13.91 23.40 9.04
N VAL B 324 14.98 23.26 8.27
CA VAL B 324 15.93 22.17 8.40
C VAL B 324 17.29 22.76 8.78
N HIS B 325 17.94 22.17 9.79
CA HIS B 325 19.27 22.66 10.21
C HIS B 325 20.41 21.66 10.06
N ARG B 326 20.09 20.39 9.79
CA ARG B 326 21.11 19.36 9.71
C ARG B 326 20.70 18.23 8.80
N ILE B 327 21.65 17.75 8.00
CA ILE B 327 21.43 16.60 7.14
C ILE B 327 22.62 15.66 7.31
N LEU B 328 22.32 14.43 7.69
CA LEU B 328 23.32 13.37 7.80
C LEU B 328 23.37 12.61 6.48
N TYR B 329 24.46 12.80 5.75
CA TYR B 329 24.65 12.21 4.42
C TYR B 329 26.02 11.53 4.35
N LYS B 330 26.03 10.27 3.94
CA LYS B 330 27.26 9.46 3.86
C LYS B 330 28.07 9.57 5.15
N ASP B 331 27.37 9.36 6.27
CA ASP B 331 27.96 9.44 7.62
C ASP B 331 28.64 10.78 7.94
N ARG B 332 28.27 11.84 7.23
CA ARG B 332 28.81 13.17 7.48
C ARG B 332 27.64 14.11 7.78
N ASN B 333 27.76 14.86 8.88
CA ASN B 333 26.75 15.85 9.24
C ASN B 333 26.95 17.17 8.53
N LEU B 334 25.97 17.53 7.70
CA LEU B 334 25.97 18.79 7.00
C LEU B 334 25.16 19.80 7.79
N HIS B 335 25.79 20.91 8.16
CA HIS B 335 25.03 21.96 8.79
C HIS B 335 24.34 22.80 7.72
N ILE B 336 23.04 23.02 7.93
CA ILE B 336 22.22 23.81 7.03
C ILE B 336 21.89 25.11 7.76
N PRO B 337 22.35 26.26 7.23
CA PRO B 337 22.27 27.54 7.96
C PRO B 337 20.92 28.28 7.89
N THR B 338 19.83 27.53 7.82
CA THR B 338 18.50 28.09 7.74
C THR B 338 18.20 29.15 8.79
N MET B 339 18.39 28.80 10.06
CA MET B 339 18.04 29.72 11.15
C MET B 339 18.96 30.95 11.16
N GLU B 340 20.22 30.77 10.74
CA GLU B 340 21.15 31.90 10.65
C GLU B 340 20.69 32.96 9.65
N ASN B 341 19.84 32.56 8.71
CA ASN B 341 19.31 33.43 7.67
C ASN B 341 17.90 33.96 8.00
N GLY B 342 17.55 33.90 9.28
CA GLY B 342 16.33 34.51 9.79
C GLY B 342 15.53 33.55 10.64
N PRO B 343 14.90 32.55 10.02
CA PRO B 343 14.88 32.30 8.58
C PRO B 343 13.85 33.20 7.90
N GLU B 344 14.33 34.16 7.13
CA GLU B 344 13.51 35.25 6.63
C GLU B 344 12.34 34.81 5.77
N LEU B 345 12.63 33.93 4.82
CA LEU B 345 11.60 33.46 3.88
C LEU B 345 10.58 32.59 4.59
N ILE B 346 11.06 31.66 5.38
CA ILE B 346 10.16 30.83 6.18
C ILE B 346 9.20 31.69 7.01
N LEU B 347 9.73 32.68 7.73
CA LEU B 347 8.91 33.55 8.56
C LEU B 347 7.90 34.34 7.73
N ARG B 348 8.33 34.79 6.55
CA ARG B 348 7.47 35.54 5.64
C ARG B 348 6.29 34.69 5.14
N PHE B 349 6.59 33.46 4.69
CA PHE B 349 5.56 32.53 4.26
C PHE B 349 4.59 32.21 5.44
N GLN B 350 5.15 31.92 6.61
N GLN B 350 5.13 31.92 6.62
CA GLN B 350 4.36 31.60 7.80
CA GLN B 350 4.26 31.60 7.75
C GLN B 350 3.35 32.72 8.12
C GLN B 350 3.31 32.75 8.10
N LYS B 351 3.85 33.96 8.10
CA LYS B 351 3.05 35.13 8.40
C LYS B 351 1.96 35.34 7.34
N GLU B 352 2.29 35.24 6.07
CA GLU B 352 1.29 35.47 5.03
C GLU B 352 0.21 34.36 5.06
N LEU B 353 0.65 33.11 5.24
CA LEU B 353 -0.31 32.03 5.36
C LEU B 353 -1.22 32.19 6.58
N LYS B 354 -0.65 32.56 7.71
CA LYS B 354 -1.43 32.77 8.92
C LYS B 354 -2.48 33.87 8.68
N GLU B 355 -2.04 34.97 8.07
CA GLU B 355 -3.00 36.07 7.80
C GLU B 355 -4.16 35.65 6.89
N ILE B 356 -3.86 34.84 5.89
CA ILE B 356 -4.89 34.35 4.98
C ILE B 356 -5.78 33.31 5.68
N GLN B 357 -5.13 32.31 6.28
CA GLN B 357 -5.87 31.22 6.91
C GLN B 357 -6.81 31.63 8.05
N TYR B 358 -6.41 32.60 8.88
CA TYR B 358 -7.24 33.08 9.97
C TYR B 358 -8.11 34.29 9.59
N GLY B 359 -8.07 34.66 8.30
CA GLY B 359 -8.95 35.71 7.79
C GLY B 359 -8.56 37.14 8.07
N ILE B 360 -7.32 37.38 8.49
CA ILE B 360 -6.81 38.75 8.70
C ILE B 360 -6.81 39.51 7.36
N ARG B 361 -6.54 38.80 6.27
CA ARG B 361 -6.61 39.34 4.91
C ARG B 361 -7.60 38.48 4.15
N ALA B 362 -8.58 39.10 3.49
CA ALA B 362 -9.49 38.37 2.62
C ALA B 362 -8.68 37.71 1.49
N HIS B 363 -9.09 36.50 1.08
CA HIS B 363 -8.39 35.81 0.02
C HIS B 363 -9.26 34.72 -0.59
N GLU B 364 -9.23 34.61 -1.90
CA GLU B 364 -10.02 33.63 -2.63
C GLU B 364 -9.60 32.19 -2.31
N TRP B 365 -8.43 32.00 -1.70
CA TRP B 365 -8.00 30.66 -1.32
C TRP B 365 -8.87 30.10 -0.20
N MET B 366 -9.52 30.96 0.58
CA MET B 366 -10.31 30.49 1.71
C MET B 366 -11.76 30.20 1.35
N PHE B 367 -12.24 29.04 1.80
CA PHE B 367 -13.59 28.57 1.53
C PHE B 367 -14.35 28.66 2.84
N PRO B 368 -15.38 29.53 2.90
CA PRO B 368 -16.07 29.68 4.16
C PRO B 368 -16.99 28.52 4.44
N VAL B 369 -17.00 28.13 5.70
CA VAL B 369 -17.93 27.15 6.21
C VAL B 369 -19.19 27.89 6.65
N1 PLP C . 4.17 -13.06 -6.63
C2 PLP C . 3.23 -12.30 -6.05
C2A PLP C . 2.98 -10.91 -6.58
C3 PLP C . 2.46 -12.79 -4.88
O3 PLP C . 1.50 -12.03 -4.31
C4 PLP C . 2.75 -14.17 -4.38
C4A PLP C . 2.05 -14.71 -3.20
C5 PLP C . 3.81 -14.90 -5.13
C6 PLP C . 4.45 -14.32 -6.22
C5A PLP C . 4.28 -16.29 -4.73
O4P PLP C . 3.24 -17.07 -4.36
P PLP C . 3.29 -18.55 -3.71
O1P PLP C . 4.12 -19.46 -4.59
O2P PLP C . 3.85 -18.41 -2.34
O3P PLP C . 1.82 -18.89 -3.74
C01 EL1 D . -9.08 -18.15 -10.19
N05 EL1 D . -8.09 -17.38 -9.44
C07 EL1 D . -7.40 -17.91 -8.43
O08 EL1 D . -7.58 -19.08 -8.07
C09 EL1 D . -6.42 -17.03 -7.72
C10 EL1 D . -6.31 -17.18 -6.35
C12 EL1 D . -5.46 -16.38 -5.60
C14 EL1 D . -4.67 -15.41 -6.21
C15 EL1 D . -4.78 -15.24 -7.59
C17 EL1 D . -5.65 -16.02 -8.34
O18 EL1 D . -5.77 -15.94 -9.70
C19 EL1 D . -5.51 -14.67 -10.38
C21 EL1 D . -5.95 -14.90 -11.82
C24 EL1 D . -4.79 -15.62 -12.44
N27 EL1 D . -3.63 -14.97 -11.83
C28 EL1 D . -4.02 -14.31 -10.57
C31 EL1 D . -2.35 -14.85 -12.26
O32 EL1 D . -1.49 -14.29 -11.57
C33 EL1 D . -1.89 -15.62 -13.45
C34 EL1 D . -2.46 -16.62 -14.21
C36 EL1 D . -1.58 -17.16 -15.20
C38 EL1 D . -0.37 -16.58 -15.15
BR EL1 D . 1.11 -17.02 -16.22
S40 EL1 D . -0.26 -15.34 -13.95
C41 EL1 D . -3.77 -14.53 -5.43
C42 EL1 D . -4.32 -13.64 -4.51
C44 EL1 D . -3.51 -12.75 -3.82
C46 EL1 D . -2.15 -12.74 -4.03
C48 EL1 D . -1.58 -13.59 -4.95
C50 EL1 D . -2.38 -14.49 -5.65
N51 EL1 D . -1.80 -15.37 -6.60
S53 EL1 D . -1.16 -16.81 -6.20
C54 EL1 D . 0.33 -16.48 -5.37
O58 EL1 D . -2.07 -17.42 -5.28
O59 EL1 D . -0.87 -17.48 -7.43
CL CL E . -4.14 -25.88 -7.22
C1 EDO F . 10.92 -32.69 -18.07
O1 EDO F . 12.10 -33.11 -17.41
C2 EDO F . 11.24 -31.60 -19.05
O2 EDO F . 12.32 -31.96 -19.93
C1 EDO G . 17.92 -4.78 -10.51
O1 EDO G . 18.00 -4.28 -11.85
C2 EDO G . 16.92 -5.93 -10.48
O2 EDO G . 17.48 -7.08 -11.13
C1 EDO H . 11.92 0.68 -13.90
O1 EDO H . 11.63 -0.27 -14.92
C2 EDO H . 13.36 0.58 -13.41
O2 EDO H . 14.24 1.36 -14.24
C1 EDO I . -12.05 -6.29 16.23
O1 EDO I . -13.08 -5.82 17.11
C2 EDO I . -12.67 -7.01 15.06
O2 EDO I . -14.08 -6.88 15.10
C1 EDO J . 21.30 -11.91 -6.33
O1 EDO J . 21.86 -13.09 -5.75
C2 EDO J . 20.03 -11.65 -5.55
O2 EDO J . 19.88 -12.71 -4.61
N1 PLP K . 4.28 14.77 0.57
C2 PLP K . 3.67 13.69 1.10
C2A PLP K . 4.42 12.39 1.26
C3 PLP K . 2.26 13.74 1.50
O3 PLP K . 1.63 12.66 2.02
C4 PLP K . 1.53 15.00 1.32
C4A PLP K . 0.10 15.07 1.70
C5 PLP K . 2.31 16.15 0.78
C6 PLP K . 3.63 15.96 0.42
C5A PLP K . 1.65 17.50 0.49
O4P PLP K . 0.92 17.95 1.56
P PLP K . -0.05 19.23 1.56
O1P PLP K . 0.81 20.44 1.25
O2P PLP K . -1.11 18.99 0.52
O3P PLP K . -0.56 19.10 2.97
C01 EL1 L . 2.54 16.50 14.98
N05 EL1 L . 2.22 15.94 13.67
C07 EL1 L . 1.42 16.55 12.81
O08 EL1 L . 0.89 17.64 13.06
C09 EL1 L . 1.19 15.86 11.50
C10 EL1 L . -0.11 15.78 11.00
C12 EL1 L . -0.38 15.11 9.80
C14 EL1 L . 0.65 14.54 9.07
C15 EL1 L . 1.95 14.62 9.55
C17 EL1 L . 2.21 15.26 10.75
O18 EL1 L . 3.48 15.41 11.27
C19 EL1 L . 4.50 14.41 10.98
C21 EL1 L . 5.65 14.76 11.90
C24 EL1 L . 6.37 15.87 11.18
N27 EL1 L . 6.29 15.45 9.78
C28 EL1 L . 5.15 14.53 9.59
C31 EL1 L . 7.12 15.71 8.76
O32 EL1 L . 6.89 15.27 7.62
C33 EL1 L . 8.19 16.74 8.91
C34 EL1 L . 8.47 17.70 9.87
C36 EL1 L . 9.52 18.56 9.51
C38 EL1 L . 9.98 18.31 8.27
BR EL1 L . 11.32 19.25 7.36
S40 EL1 L . 9.19 16.96 7.52
C41 EL1 L . 0.42 13.81 7.78
C42 EL1 L . -0.40 12.67 7.78
C44 EL1 L . -0.58 11.95 6.63
C46 EL1 L . 0.05 12.30 5.46
C48 EL1 L . 0.90 13.39 5.44
C50 EL1 L . 1.09 14.15 6.60
N51 EL1 L . 1.95 15.28 6.58
S53 EL1 L . 1.43 16.74 6.12
C54 EL1 L . 1.23 16.66 4.38
O58 EL1 L . 0.16 16.96 6.72
O59 EL1 L . 2.51 17.63 6.41
CL CL M . -0.75 24.84 10.97
C1 EDO N . 11.83 37.03 1.59
O1 EDO N . 11.72 38.37 2.04
C2 EDO N . 13.12 36.38 2.09
O2 EDO N . 14.26 36.97 1.47
S DMS O . -20.19 0.24 6.93
O DMS O . -19.57 0.46 8.25
C1 DMS O . -21.66 -0.58 7.19
C2 DMS O . -20.87 1.70 6.38
#